data_5BWD
#
_entry.id   5BWD
#
_cell.length_a   154.862
_cell.length_b   154.862
_cell.length_c   82.117
_cell.angle_alpha   90.00
_cell.angle_beta   90.00
_cell.angle_gamma   90.00
#
_symmetry.space_group_name_H-M   'P 43 21 2'
#
loop_
_entity.id
_entity.type
_entity.pdbx_description
1 polymer 'benzylsuccinate synthase alpha chain'
2 polymer 'benzylsuccinate synthase gamma chain'
3 non-polymer 'FUMARIC ACID'
4 non-polymer 2-AMINO-2-HYDROXYMETHYL-PROPANE-1,3-DIOL
5 non-polymer 'TRIETHYLENE GLYCOL'
6 non-polymer 'TETRAETHYLENE GLYCOL'
7 water water
#
loop_
_entity_poly.entity_id
_entity_poly.type
_entity_poly.pdbx_seq_one_letter_code
_entity_poly.pdbx_strand_id
1 'polypeptide(L)'
;MNDIVSAKVLEYKGKKLNFTPEDPAEETIPADELHEHLQKPSTARTKRLKERCRWKHASAGEFIEKSVTAGIERMRYLTE
AHKASEGKPEAIRRALGLANVLNKSTLVLQEDEFIVGYHAEDPNMFPLYPELSHMAVQDYLRSDYSPQPADEAAAINEYW
KPHSLQSKCQPYFDPADLGRMYQVSSMEAPSFASGYNSIVPPYETVLEDGLLARIKLAEKHIAEAQADMSTFPWNGTKGL
DNIAKIDNWKAMVIACKAVISWARRQGRLCKIVAENFETDPKRQAELLEIADICQRIPAEPCKGLKDAMQAKFFTFLICH
AIERYASGYAQKEDTLLWPYYKASVVDKKFQPMSHMDAVELVEMERLKISEHGAGKSRAYREIFPGSNDLFILTVGGTNA
KGEDACNDMTDAILEAAKRIRTAEPSIVFRYSKKNREKTLRWVFECIRDGLGYPSIKHDEIGTEQMKEYAKFSLNGNGAT
DEEAHNWVNVLCMSPGIHGRRKTQKTRSEGGGSIFPAKLLEISLNDGYDWSYADMQLGPKTGDLSSLKSFEDVWEAFRKQ
YQYAINLCISTKDVSRYFEQRFLQMPFVSAIDDGCMELGMDACALSEQPNGWHNPITTIVAANSLVAIKKLVFEEKKYTL
EQLSQALKANWEGFEEMRVDFKRAPKWGNDDDYADGIITRFYEEIIGGEMRKITNYSGGPVMPTGQAVGLYMEVGSRTGP
TPDGRFGGEAADDGGISPYMGTDKKGPTAVLRSVSKVQKNQKGNLLNQRLSVPIMRSKHGFEIWNSYIKTWHDLNIDHVQ
FNVVSTDEMRAAQREPEKHHDLIVRVSGYSARFVDIPTYGQNTIIARQEQDFSASDLEFLNVEISGTGSGSSHHHHHH
;
A
2 'polypeptide(L)' MGTTTCKQCANFFPVPKDADDYEAGKADCVREKEDEKGKYWLSKPIFENSAQCEAFQTKR C
#
loop_
_chem_comp.id
_chem_comp.type
_chem_comp.name
_chem_comp.formula
FUM non-polymer 'FUMARIC ACID' 'C4 H4 O4'
PG4 non-polymer 'TETRAETHYLENE GLYCOL' 'C8 H18 O5'
PGE non-polymer 'TRIETHYLENE GLYCOL' 'C6 H14 O4'
TRS non-polymer 2-AMINO-2-HYDROXYMETHYL-PROPANE-1,3-DIOL 'C4 H12 N O3 1'
#
# COMPACT_ATOMS: atom_id res chain seq x y z
N VAL A 5 -15.31 29.56 7.47
CA VAL A 5 -15.91 29.98 6.21
C VAL A 5 -16.89 28.91 5.73
N SER A 6 -17.31 28.06 6.66
CA SER A 6 -18.25 26.98 6.34
C SER A 6 -19.62 27.25 6.97
N ALA A 7 -20.67 26.70 6.36
CA ALA A 7 -22.03 26.93 6.83
C ALA A 7 -22.31 26.23 8.15
N LYS A 8 -23.02 26.92 9.04
CA LYS A 8 -23.45 26.33 10.30
C LYS A 8 -24.96 26.15 10.31
N VAL A 9 -25.62 26.59 9.24
CA VAL A 9 -27.06 26.52 9.14
C VAL A 9 -27.48 26.43 7.67
N LEU A 10 -28.52 25.64 7.40
CA LEU A 10 -29.04 25.48 6.04
C LEU A 10 -30.52 25.15 6.05
N GLU A 11 -31.29 25.88 5.24
CA GLU A 11 -32.71 25.60 5.09
C GLU A 11 -32.92 24.61 3.94
N TYR A 12 -33.59 23.49 4.24
CA TYR A 12 -33.79 22.45 3.25
C TYR A 12 -35.15 21.77 3.39
N LYS A 13 -35.92 21.77 2.30
CA LYS A 13 -37.26 21.18 2.27
C LYS A 13 -38.18 21.75 3.36
N GLY A 14 -38.08 23.05 3.58
CA GLY A 14 -38.90 23.72 4.59
C GLY A 14 -38.46 23.41 6.01
N LYS A 15 -37.29 22.81 6.15
CA LYS A 15 -36.75 22.48 7.47
C LYS A 15 -35.41 23.16 7.69
N LYS A 16 -35.32 23.94 8.77
CA LYS A 16 -34.07 24.61 9.12
C LYS A 16 -33.12 23.65 9.84
N LEU A 17 -31.99 23.37 9.20
CA LEU A 17 -31.03 22.42 9.75
C LEU A 17 -29.98 23.11 10.61
N ASN A 18 -29.87 22.68 11.86
CA ASN A 18 -28.87 23.22 12.77
C ASN A 18 -27.63 22.33 12.80
N PHE A 19 -26.58 22.77 12.10
CA PHE A 19 -25.34 22.01 12.02
C PHE A 19 -24.50 22.17 13.28
N THR A 20 -25.07 21.75 14.41
CA THR A 20 -24.39 21.79 15.69
C THR A 20 -23.87 20.40 16.05
N PRO A 21 -22.68 20.33 16.67
CA PRO A 21 -22.06 19.05 17.05
C PRO A 21 -22.97 18.16 17.90
N GLU A 22 -22.89 16.85 17.69
CA GLU A 22 -23.69 15.90 18.45
C GLU A 22 -23.37 16.01 19.93
N ASP A 23 -22.15 15.68 20.29
CA ASP A 23 -21.70 15.79 21.67
C ASP A 23 -21.60 17.26 22.06
N PRO A 24 -22.31 17.65 23.13
CA PRO A 24 -22.27 19.04 23.62
C PRO A 24 -20.91 19.42 24.20
N ALA A 25 -20.11 18.42 24.52
CA ALA A 25 -18.76 18.65 25.04
C ALA A 25 -17.87 19.25 23.96
N GLU A 26 -18.22 19.01 22.70
CA GLU A 26 -17.46 19.51 21.58
C GLU A 26 -17.64 21.03 21.42
N GLU A 27 -18.77 21.54 21.92
CA GLU A 27 -19.01 22.97 21.90
C GLU A 27 -18.13 23.69 22.92
N THR A 28 -17.69 22.95 23.93
CA THR A 28 -16.83 23.49 24.96
C THR A 28 -15.36 23.50 24.51
N ILE A 29 -14.95 22.41 23.86
CA ILE A 29 -13.59 22.27 23.38
C ILE A 29 -13.32 23.26 22.23
N PRO A 30 -12.21 24.00 22.31
CA PRO A 30 -11.81 24.92 21.25
C PRO A 30 -11.68 24.23 19.89
N ALA A 31 -12.21 24.85 18.84
CA ALA A 31 -12.26 24.24 17.52
C ALA A 31 -10.87 23.99 16.95
N ASP A 32 -9.88 24.75 17.43
CA ASP A 32 -8.53 24.64 16.89
C ASP A 32 -7.70 23.58 17.63
N GLU A 33 -8.36 22.77 18.45
CA GLU A 33 -7.70 21.67 19.13
C GLU A 33 -8.66 20.51 19.38
N LEU A 34 -9.67 20.40 18.53
CA LEU A 34 -10.69 19.38 18.65
C LEU A 34 -10.11 17.96 18.63
N HIS A 35 -9.23 17.68 17.69
CA HIS A 35 -8.74 16.32 17.47
C HIS A 35 -7.74 15.85 18.53
N GLU A 36 -7.42 16.73 19.48
CA GLU A 36 -6.57 16.33 20.60
C GLU A 36 -7.41 15.75 21.73
N HIS A 37 -8.73 15.73 21.53
CA HIS A 37 -9.65 15.22 22.55
C HIS A 37 -10.50 14.07 22.01
N LEU A 38 -10.03 13.39 20.98
CA LEU A 38 -10.83 12.35 20.35
C LEU A 38 -10.34 10.94 20.67
N GLN A 39 -9.04 10.79 20.87
CA GLN A 39 -8.48 9.46 21.12
C GLN A 39 -9.01 8.87 22.41
N LYS A 40 -9.18 7.56 22.43
CA LYS A 40 -9.71 6.86 23.60
C LYS A 40 -9.33 5.39 23.56
N PRO A 41 -8.05 5.08 23.84
CA PRO A 41 -7.59 3.69 23.83
C PRO A 41 -8.41 2.81 24.76
N SER A 42 -8.76 1.61 24.30
CA SER A 42 -9.69 0.77 25.04
C SER A 42 -9.18 0.38 26.42
N THR A 43 -7.86 0.30 26.58
CA THR A 43 -7.28 -0.09 27.87
C THR A 43 -6.09 0.78 28.26
N ALA A 44 -5.68 0.65 29.51
CA ALA A 44 -4.49 1.32 29.99
C ALA A 44 -3.25 0.81 29.25
N ARG A 45 -3.28 -0.47 28.89
CA ARG A 45 -2.19 -1.09 28.18
C ARG A 45 -1.96 -0.45 26.81
N THR A 46 -3.01 -0.33 26.02
CA THR A 46 -2.87 0.23 24.68
C THR A 46 -2.61 1.73 24.74
N LYS A 47 -3.04 2.37 25.83
CA LYS A 47 -2.69 3.76 26.06
C LYS A 47 -1.19 3.89 26.27
N ARG A 48 -0.61 2.99 27.07
CA ARG A 48 0.83 2.98 27.30
C ARG A 48 1.59 2.67 26.01
N LEU A 49 1.08 1.71 25.25
CA LEU A 49 1.74 1.27 24.02
C LEU A 49 1.80 2.38 22.98
N LYS A 50 0.77 3.21 22.92
CA LYS A 50 0.79 4.33 21.99
C LYS A 50 1.78 5.40 22.44
N GLU A 51 1.73 5.73 23.73
CA GLU A 51 2.64 6.74 24.28
C GLU A 51 4.11 6.34 24.08
N ARG A 52 4.40 5.04 24.15
CA ARG A 52 5.78 4.58 24.01
C ARG A 52 6.03 3.90 22.65
N CYS A 53 5.13 4.12 21.71
CA CYS A 53 5.23 3.50 20.38
C CYS A 53 6.56 3.85 19.71
N ARG A 54 7.22 2.83 19.16
CA ARG A 54 8.48 3.04 18.45
C ARG A 54 8.21 3.44 17.01
N TRP A 55 7.78 4.69 16.83
CA TRP A 55 7.39 5.19 15.53
C TRP A 55 8.52 5.09 14.51
N LYS A 56 8.17 4.71 13.28
CA LYS A 56 9.15 4.46 12.24
C LYS A 56 8.99 5.39 11.05
N HIS A 57 8.20 6.45 11.23
CA HIS A 57 7.91 7.35 10.12
C HIS A 57 9.01 8.40 9.98
N ALA A 58 9.07 9.03 8.81
CA ALA A 58 10.11 10.00 8.52
C ALA A 58 9.57 11.13 7.65
N SER A 59 10.31 12.23 7.63
CA SER A 59 9.95 13.36 6.78
C SER A 59 11.20 14.21 6.54
N ALA A 60 11.26 14.81 5.35
CA ALA A 60 12.39 15.65 4.94
C ALA A 60 13.71 14.88 4.98
N GLY A 61 13.64 13.56 4.78
CA GLY A 61 14.83 12.74 4.67
C GLY A 61 15.42 12.20 5.96
N GLU A 62 14.69 12.32 7.07
CA GLU A 62 15.18 11.77 8.32
C GLU A 62 14.04 11.25 9.20
N PHE A 63 14.31 10.19 9.95
CA PHE A 63 13.33 9.59 10.84
C PHE A 63 13.02 10.52 12.01
N ILE A 64 11.78 10.49 12.46
CA ILE A 64 11.35 11.38 13.54
C ILE A 64 11.84 10.85 14.87
N GLU A 65 11.89 9.54 15.01
CA GLU A 65 12.50 8.93 16.18
C GLU A 65 14.00 8.78 15.94
N LYS A 66 14.80 9.09 16.96
CA LYS A 66 16.24 9.24 16.78
C LYS A 66 17.01 7.92 16.70
N SER A 67 16.44 6.84 17.23
CA SER A 67 17.16 5.57 17.29
C SER A 67 16.97 4.72 16.02
N VAL A 68 16.11 5.17 15.12
CA VAL A 68 15.79 4.41 13.92
C VAL A 68 16.99 4.38 12.97
N THR A 69 17.42 3.18 12.61
CA THR A 69 18.57 2.99 11.73
C THR A 69 18.54 1.57 11.17
N ALA A 70 19.35 1.29 10.15
CA ALA A 70 19.28 -0.01 9.48
C ALA A 70 19.97 -1.13 10.26
N GLY A 71 19.40 -2.32 10.18
CA GLY A 71 20.04 -3.50 10.75
C GLY A 71 20.96 -4.15 9.73
N ILE A 72 21.77 -5.11 10.17
CA ILE A 72 22.69 -5.78 9.26
C ILE A 72 22.46 -7.29 9.27
N GLU A 73 21.79 -7.80 10.30
CA GLU A 73 21.67 -9.24 10.47
C GLU A 73 21.05 -9.96 9.26
N ARG A 74 20.02 -9.36 8.64
CA ARG A 74 19.42 -9.98 7.47
C ARG A 74 20.43 -10.06 6.34
N MET A 75 21.10 -8.94 6.06
CA MET A 75 22.15 -8.89 5.06
C MET A 75 23.23 -9.94 5.32
N ARG A 76 23.65 -10.04 6.57
CA ARG A 76 24.76 -10.90 6.95
C ARG A 76 24.42 -12.38 6.74
N TYR A 77 23.28 -12.80 7.26
CA TYR A 77 22.90 -14.20 7.19
C TYR A 77 22.40 -14.63 5.82
N LEU A 78 21.90 -13.68 5.03
CA LEU A 78 21.49 -13.97 3.66
C LEU A 78 22.73 -14.21 2.80
N THR A 79 23.77 -13.42 3.06
CA THR A 79 25.04 -13.55 2.37
C THR A 79 25.72 -14.87 2.71
N GLU A 80 25.74 -15.19 4.01
CA GLU A 80 26.34 -16.44 4.47
C GLU A 80 25.70 -17.64 3.80
N ALA A 81 24.37 -17.65 3.77
CA ALA A 81 23.63 -18.76 3.19
C ALA A 81 23.87 -18.88 1.68
N HIS A 82 23.92 -17.73 1.01
CA HIS A 82 24.08 -17.71 -0.45
C HIS A 82 25.46 -18.25 -0.86
N LYS A 83 26.50 -17.92 -0.09
CA LYS A 83 27.82 -18.46 -0.37
C LYS A 83 27.83 -19.96 -0.19
N ALA A 84 27.14 -20.44 0.85
CA ALA A 84 27.17 -21.85 1.19
C ALA A 84 26.29 -22.70 0.26
N SER A 85 25.31 -22.07 -0.38
CA SER A 85 24.33 -22.81 -1.17
C SER A 85 24.66 -22.84 -2.65
N GLU A 86 25.84 -22.34 -3.01
CA GLU A 86 26.26 -22.30 -4.42
C GLU A 86 26.09 -23.65 -5.09
N GLY A 87 25.59 -23.64 -6.33
CA GLY A 87 25.41 -24.86 -7.10
C GLY A 87 24.03 -25.48 -6.99
N LYS A 88 23.34 -25.22 -5.87
CA LYS A 88 22.04 -25.82 -5.61
C LYS A 88 20.94 -25.11 -6.41
N PRO A 89 19.79 -25.76 -6.59
CA PRO A 89 18.68 -25.11 -7.31
C PRO A 89 18.29 -23.80 -6.64
N GLU A 90 18.07 -22.75 -7.43
CA GLU A 90 17.85 -21.41 -6.89
C GLU A 90 16.68 -21.33 -5.91
N ALA A 91 15.63 -22.12 -6.15
CA ALA A 91 14.49 -22.13 -5.24
C ALA A 91 14.92 -22.62 -3.86
N ILE A 92 15.75 -23.66 -3.85
CA ILE A 92 16.26 -24.23 -2.61
C ILE A 92 17.25 -23.27 -1.96
N ARG A 93 18.08 -22.61 -2.77
CA ARG A 93 18.99 -21.58 -2.25
C ARG A 93 18.20 -20.48 -1.54
N ARG A 94 17.13 -20.02 -2.19
CA ARG A 94 16.31 -18.95 -1.63
C ARG A 94 15.67 -19.38 -0.31
N ALA A 95 15.22 -20.63 -0.26
CA ALA A 95 14.67 -21.20 0.97
C ALA A 95 15.73 -21.25 2.05
N LEU A 96 16.94 -21.66 1.67
CA LEU A 96 18.06 -21.76 2.59
C LEU A 96 18.47 -20.39 3.12
N GLY A 97 18.34 -19.36 2.28
CA GLY A 97 18.63 -18.01 2.71
C GLY A 97 17.64 -17.56 3.78
N LEU A 98 16.36 -17.80 3.52
CA LEU A 98 15.30 -17.49 4.49
C LEU A 98 15.55 -18.24 5.79
N ALA A 99 15.82 -19.54 5.67
CA ALA A 99 16.03 -20.38 6.85
C ALA A 99 17.19 -19.87 7.71
N ASN A 100 18.30 -19.49 7.08
CA ASN A 100 19.47 -19.01 7.82
C ASN A 100 19.15 -17.73 8.57
N VAL A 101 18.50 -16.80 7.87
CA VAL A 101 18.08 -15.53 8.46
C VAL A 101 17.21 -15.80 9.69
N LEU A 102 16.21 -16.64 9.53
CA LEU A 102 15.27 -16.95 10.61
C LEU A 102 15.92 -17.73 11.75
N ASN A 103 16.80 -18.66 11.41
CA ASN A 103 17.49 -19.48 12.43
C ASN A 103 18.42 -18.64 13.31
N LYS A 104 19.12 -17.68 12.71
CA LYS A 104 20.18 -16.98 13.43
C LYS A 104 19.80 -15.57 13.90
N SER A 105 18.67 -15.05 13.43
CA SER A 105 18.23 -13.71 13.80
C SER A 105 18.03 -13.55 15.30
N THR A 106 18.51 -12.42 15.83
CA THR A 106 18.16 -12.01 17.17
C THR A 106 16.68 -11.68 17.19
N LEU A 107 15.94 -12.25 18.15
CA LEU A 107 14.49 -12.04 18.24
C LEU A 107 14.17 -10.99 19.31
N VAL A 108 13.03 -10.33 19.17
CA VAL A 108 12.67 -9.22 20.05
C VAL A 108 11.35 -9.47 20.78
N LEU A 109 11.35 -9.13 22.07
CA LEU A 109 10.13 -9.11 22.87
C LEU A 109 10.09 -7.82 23.66
N GLN A 110 8.95 -7.13 23.65
CA GLN A 110 8.83 -5.85 24.35
C GLN A 110 7.81 -5.93 25.49
N GLU A 111 7.88 -4.95 26.40
CA GLU A 111 6.87 -4.88 27.45
C GLU A 111 5.51 -4.52 26.86
N ASP A 112 4.46 -4.98 27.53
CA ASP A 112 3.07 -4.62 27.22
C ASP A 112 2.49 -5.20 25.93
N GLU A 113 3.32 -5.54 24.95
CA GLU A 113 2.80 -6.07 23.68
C GLU A 113 2.27 -7.49 23.85
N PHE A 114 1.17 -7.81 23.16
CA PHE A 114 0.61 -9.16 23.18
C PHE A 114 0.86 -9.87 21.86
N ILE A 115 0.60 -9.18 20.76
CA ILE A 115 1.08 -9.63 19.45
C ILE A 115 2.58 -9.38 19.43
N VAL A 116 3.38 -10.43 19.26
CA VAL A 116 4.83 -10.31 19.34
C VAL A 116 5.49 -10.60 18.00
N GLY A 117 6.75 -10.20 17.88
CA GLY A 117 7.52 -10.48 16.70
C GLY A 117 8.14 -9.23 16.08
N TYR A 118 9.23 -9.43 15.35
CA TYR A 118 9.87 -8.32 14.66
C TYR A 118 10.72 -8.86 13.51
N HIS A 119 11.22 -7.96 12.67
CA HIS A 119 11.88 -8.35 11.43
C HIS A 119 13.31 -7.83 11.33
N ALA A 120 13.85 -7.38 12.46
CA ALA A 120 15.27 -7.01 12.53
C ALA A 120 15.80 -7.32 13.92
N GLU A 121 17.10 -7.10 14.12
CA GLU A 121 17.77 -7.52 15.36
C GLU A 121 17.55 -6.58 16.53
N ASP A 122 16.89 -5.46 16.27
CA ASP A 122 16.71 -4.41 17.27
C ASP A 122 15.39 -3.72 16.96
N PRO A 123 14.56 -3.47 17.99
CA PRO A 123 13.20 -2.96 17.79
C PRO A 123 13.16 -1.58 17.13
N ASN A 124 14.30 -0.90 17.07
CA ASN A 124 14.38 0.41 16.44
C ASN A 124 14.90 0.32 15.02
N MET A 125 15.19 -0.89 14.56
CA MET A 125 15.84 -1.07 13.27
C MET A 125 14.94 -1.61 12.16
N PHE A 126 15.45 -1.52 10.94
CA PHE A 126 14.81 -2.10 9.77
C PHE A 126 15.87 -2.84 8.95
N PRO A 127 15.49 -3.98 8.36
CA PRO A 127 16.41 -4.78 7.55
C PRO A 127 16.60 -4.21 6.15
N LEU A 128 17.63 -4.66 5.44
CA LEU A 128 17.90 -4.19 4.08
C LEU A 128 17.96 -5.36 3.11
N TYR A 129 18.04 -5.05 1.83
CA TYR A 129 17.79 -6.02 0.77
C TYR A 129 18.78 -5.92 -0.38
N PRO A 130 20.02 -6.42 -0.17
CA PRO A 130 21.06 -6.35 -1.19
C PRO A 130 20.74 -7.25 -2.39
N GLU A 131 19.85 -8.22 -2.20
CA GLU A 131 19.47 -9.13 -3.26
C GLU A 131 18.53 -8.47 -4.26
N LEU A 132 18.03 -7.28 -3.91
CA LEU A 132 17.07 -6.57 -4.75
C LEU A 132 17.74 -5.46 -5.55
N SER A 133 17.95 -4.31 -4.92
CA SER A 133 18.59 -3.19 -5.61
C SER A 133 19.90 -2.80 -4.96
N HIS A 134 20.98 -2.92 -5.72
N HIS A 134 21.00 -2.89 -5.72
CA HIS A 134 22.31 -2.53 -5.27
CA HIS A 134 22.30 -2.52 -5.17
C HIS A 134 22.36 -1.03 -4.96
C HIS A 134 22.41 -1.01 -4.98
N MET A 135 21.71 -0.25 -5.81
CA MET A 135 21.68 1.21 -5.66
C MET A 135 20.98 1.63 -4.37
N ALA A 136 19.87 0.97 -4.06
CA ALA A 136 19.12 1.28 -2.84
C ALA A 136 19.97 1.04 -1.59
N VAL A 137 20.69 -0.07 -1.55
CA VAL A 137 21.56 -0.37 -0.42
C VAL A 137 22.68 0.64 -0.36
N GLN A 138 23.23 0.99 -1.51
CA GLN A 138 24.33 1.95 -1.58
C GLN A 138 23.92 3.30 -1.00
N ASP A 139 22.67 3.69 -1.23
CA ASP A 139 22.14 4.93 -0.67
C ASP A 139 22.19 4.94 0.85
N TYR A 140 21.83 3.82 1.46
CA TYR A 140 21.84 3.72 2.92
C TYR A 140 23.27 3.70 3.45
N LEU A 141 24.18 3.10 2.69
CA LEU A 141 25.59 3.10 3.05
C LEU A 141 26.12 4.53 3.07
N ARG A 142 25.55 5.38 2.23
CA ARG A 142 25.93 6.79 2.17
C ARG A 142 24.93 7.65 2.96
N SER A 143 24.49 7.16 4.12
CA SER A 143 23.53 7.89 4.92
C SER A 143 23.82 7.77 6.41
N ASP A 144 23.06 8.50 7.23
CA ASP A 144 23.22 8.46 8.68
C ASP A 144 22.64 7.18 9.27
N TYR A 145 22.09 6.32 8.42
CA TYR A 145 21.38 5.13 8.87
C TYR A 145 22.00 3.83 8.34
N SER A 146 23.26 3.91 7.94
CA SER A 146 23.96 2.74 7.39
C SER A 146 23.95 1.57 8.37
N PRO A 147 23.72 0.36 7.86
CA PRO A 147 23.93 -0.84 8.67
C PRO A 147 25.36 -0.91 9.18
N GLN A 148 25.55 -1.47 10.37
CA GLN A 148 26.87 -1.53 11.00
C GLN A 148 27.28 -2.98 11.26
N PRO A 149 28.57 -3.30 11.09
CA PRO A 149 29.66 -2.41 10.66
C PRO A 149 29.58 -2.00 9.20
N ALA A 150 29.87 -0.72 8.95
CA ALA A 150 29.78 -0.15 7.60
C ALA A 150 30.65 -0.90 6.59
N ASP A 151 31.82 -1.36 7.03
CA ASP A 151 32.75 -2.06 6.14
C ASP A 151 32.18 -3.40 5.70
N GLU A 152 31.58 -4.12 6.65
CA GLU A 152 30.96 -5.40 6.33
C GLU A 152 29.76 -5.20 5.41
N ALA A 153 28.95 -4.19 5.73
CA ALA A 153 27.77 -3.87 4.94
C ALA A 153 28.17 -3.54 3.50
N ALA A 154 29.24 -2.79 3.34
CA ALA A 154 29.76 -2.45 2.02
C ALA A 154 30.23 -3.69 1.27
N ALA A 155 30.92 -4.58 1.99
CA ALA A 155 31.40 -5.82 1.40
C ALA A 155 30.23 -6.70 0.99
N ILE A 156 29.15 -6.65 1.77
CA ILE A 156 27.97 -7.45 1.49
C ILE A 156 27.32 -6.95 0.20
N ASN A 157 27.20 -5.63 0.07
CA ASN A 157 26.54 -5.07 -1.12
C ASN A 157 27.34 -5.37 -2.38
N GLU A 158 28.66 -5.34 -2.27
CA GLU A 158 29.51 -5.62 -3.41
C GLU A 158 29.40 -7.09 -3.82
N TYR A 159 29.30 -7.96 -2.84
CA TYR A 159 29.10 -9.38 -3.11
C TYR A 159 27.80 -9.61 -3.87
N TRP A 160 26.74 -8.91 -3.47
CA TRP A 160 25.41 -9.14 -4.04
C TRP A 160 25.20 -8.45 -5.38
N LYS A 161 26.00 -7.43 -5.66
CA LYS A 161 25.77 -6.55 -6.82
C LYS A 161 25.49 -7.31 -8.13
N PRO A 162 26.35 -8.28 -8.53
CA PRO A 162 26.00 -8.95 -9.79
C PRO A 162 24.85 -9.95 -9.67
N HIS A 163 24.50 -10.31 -8.43
CA HIS A 163 23.41 -11.26 -8.20
C HIS A 163 22.06 -10.56 -8.02
N SER A 164 22.10 -9.24 -7.84
CA SER A 164 20.89 -8.48 -7.52
C SER A 164 19.88 -8.50 -8.65
N LEU A 165 18.60 -8.35 -8.31
CA LEU A 165 17.53 -8.32 -9.30
C LEU A 165 17.79 -7.18 -10.29
N GLN A 166 18.26 -6.06 -9.78
CA GLN A 166 18.57 -4.91 -10.61
C GLN A 166 19.61 -5.25 -11.67
N SER A 167 20.68 -5.93 -11.27
CA SER A 167 21.73 -6.31 -12.22
C SER A 167 21.23 -7.35 -13.22
N LYS A 168 20.28 -8.18 -12.81
CA LYS A 168 19.70 -9.20 -13.68
C LYS A 168 18.92 -8.58 -14.85
N CYS A 169 18.17 -7.52 -14.55
CA CYS A 169 17.21 -6.95 -15.50
C CYS A 169 17.80 -5.92 -16.44
N GLN A 170 18.68 -5.07 -15.90
CA GLN A 170 19.23 -3.93 -16.64
C GLN A 170 19.82 -4.22 -18.03
N PRO A 171 20.53 -5.36 -18.22
CA PRO A 171 21.15 -5.56 -19.54
C PRO A 171 20.19 -5.69 -20.72
N TYR A 172 18.91 -5.93 -20.47
CA TYR A 172 17.97 -6.18 -21.57
C TYR A 172 17.22 -4.92 -21.98
N PHE A 173 17.74 -3.77 -21.57
CA PHE A 173 17.20 -2.49 -21.97
C PHE A 173 18.31 -1.55 -22.42
N ASP A 174 18.01 -0.70 -23.39
CA ASP A 174 18.91 0.38 -23.77
C ASP A 174 19.20 1.22 -22.54
N PRO A 175 20.49 1.41 -22.21
CA PRO A 175 20.91 2.23 -21.07
C PRO A 175 20.34 3.65 -21.13
N ALA A 176 20.11 4.15 -22.34
CA ALA A 176 19.52 5.47 -22.52
C ALA A 176 18.05 5.47 -22.10
N ASP A 177 17.37 4.36 -22.35
CA ASP A 177 15.97 4.22 -21.94
C ASP A 177 15.84 4.17 -20.43
N LEU A 178 16.68 3.35 -19.79
CA LEU A 178 16.69 3.26 -18.34
C LEU A 178 17.07 4.59 -17.72
N GLY A 179 17.99 5.30 -18.36
CA GLY A 179 18.39 6.62 -17.91
C GLY A 179 17.21 7.57 -17.86
N ARG A 180 16.35 7.49 -18.88
CA ARG A 180 15.16 8.32 -18.93
C ARG A 180 14.18 7.95 -17.82
N MET A 181 14.01 6.65 -17.59
CA MET A 181 13.13 6.17 -16.53
C MET A 181 13.66 6.59 -15.15
N TYR A 182 14.98 6.54 -14.99
CA TYR A 182 15.59 6.79 -13.68
C TYR A 182 15.51 8.26 -13.30
N GLN A 183 15.18 9.11 -14.26
CA GLN A 183 14.98 10.53 -13.99
C GLN A 183 13.70 10.75 -13.17
N VAL A 184 12.82 9.76 -13.21
CA VAL A 184 11.53 9.80 -12.54
C VAL A 184 10.82 11.10 -12.92
N SER A 185 10.61 11.29 -14.23
CA SER A 185 9.99 12.50 -14.76
C SER A 185 8.70 12.17 -15.50
N SER A 186 8.82 11.37 -16.56
CA SER A 186 7.66 10.94 -17.32
C SER A 186 7.24 9.53 -16.91
N MET A 187 8.21 8.78 -16.39
CA MET A 187 7.98 7.40 -15.98
C MET A 187 8.52 7.18 -14.57
N GLU A 188 7.79 6.42 -13.77
CA GLU A 188 8.35 5.94 -12.50
C GLU A 188 9.46 4.96 -12.82
N ALA A 189 10.54 4.99 -12.04
CA ALA A 189 11.61 4.02 -12.22
C ALA A 189 11.06 2.62 -12.03
N PRO A 190 11.56 1.66 -12.83
CA PRO A 190 11.09 0.28 -12.69
C PRO A 190 11.39 -0.27 -11.30
N SER A 191 10.51 -1.14 -10.80
CA SER A 191 10.68 -1.70 -9.46
C SER A 191 12.00 -2.44 -9.26
N PHE A 192 12.58 -2.99 -10.32
CA PHE A 192 13.82 -3.74 -10.14
C PHE A 192 14.97 -2.81 -9.77
N ALA A 193 14.82 -1.53 -10.06
CA ALA A 193 15.86 -0.55 -9.77
C ALA A 193 15.77 0.02 -8.36
N SER A 194 14.57 -0.01 -7.78
CA SER A 194 14.36 0.56 -6.44
C SER A 194 14.18 -0.48 -5.37
N GLY A 195 13.71 -1.67 -5.77
CA GLY A 195 13.42 -2.74 -4.83
C GLY A 195 12.01 -2.64 -4.27
N TYR A 196 11.29 -1.59 -4.66
CA TYR A 196 9.91 -1.42 -4.21
C TYR A 196 9.05 -2.56 -4.73
N ASN A 197 8.00 -2.91 -4.00
CA ASN A 197 7.24 -4.12 -4.26
C ASN A 197 5.92 -4.10 -3.51
N SER A 198 5.03 -5.03 -3.86
CA SER A 198 3.79 -5.23 -3.13
C SER A 198 3.43 -6.72 -3.18
N ILE A 199 2.50 -7.13 -2.34
CA ILE A 199 2.04 -8.52 -2.32
C ILE A 199 0.70 -8.64 -1.60
N VAL A 200 -0.09 -9.62 -2.03
CA VAL A 200 -1.30 -10.01 -1.31
C VAL A 200 -1.08 -11.41 -0.78
N PRO A 201 -0.66 -11.53 0.49
CA PRO A 201 -0.38 -12.85 1.06
C PRO A 201 -1.62 -13.72 1.21
N PRO A 202 -1.50 -15.02 0.94
CA PRO A 202 -2.62 -15.94 1.13
C PRO A 202 -2.77 -16.32 2.60
N TYR A 203 -3.14 -15.35 3.43
CA TYR A 203 -3.25 -15.56 4.88
C TYR A 203 -4.18 -16.70 5.24
N GLU A 204 -5.27 -16.82 4.48
CA GLU A 204 -6.32 -17.81 4.75
C GLU A 204 -5.74 -19.22 4.90
N THR A 205 -4.76 -19.54 4.05
CA THR A 205 -4.14 -20.85 4.08
C THR A 205 -3.41 -21.12 5.39
N VAL A 206 -2.66 -20.12 5.86
CA VAL A 206 -1.89 -20.26 7.09
C VAL A 206 -2.81 -20.48 8.28
N LEU A 207 -3.79 -19.58 8.42
CA LEU A 207 -4.70 -19.62 9.57
C LEU A 207 -5.53 -20.90 9.57
N GLU A 208 -6.00 -21.33 8.40
CA GLU A 208 -6.85 -22.51 8.31
C GLU A 208 -6.08 -23.82 8.43
N ASP A 209 -4.93 -23.91 7.76
CA ASP A 209 -4.21 -25.18 7.65
C ASP A 209 -3.07 -25.36 8.64
N GLY A 210 -2.35 -24.28 8.91
CA GLY A 210 -1.10 -24.38 9.66
C GLY A 210 0.01 -24.84 8.74
N LEU A 211 1.26 -24.59 9.14
CA LEU A 211 2.40 -24.87 8.26
C LEU A 211 2.81 -26.34 8.22
N LEU A 212 2.55 -27.08 9.30
CA LEU A 212 2.85 -28.50 9.32
C LEU A 212 2.11 -29.23 8.20
N ALA A 213 0.87 -28.83 7.97
CA ALA A 213 0.05 -29.44 6.93
C ALA A 213 0.58 -29.14 5.53
N ARG A 214 1.15 -27.96 5.35
CA ARG A 214 1.68 -27.57 4.05
C ARG A 214 2.95 -28.37 3.77
N ILE A 215 3.72 -28.65 4.82
CA ILE A 215 4.92 -29.45 4.70
C ILE A 215 4.57 -30.86 4.25
N LYS A 216 3.51 -31.42 4.84
CA LYS A 216 3.09 -32.78 4.50
C LYS A 216 2.54 -32.88 3.09
N LEU A 217 1.90 -31.80 2.62
CA LEU A 217 1.42 -31.76 1.23
C LEU A 217 2.59 -31.74 0.28
N ALA A 218 3.59 -30.92 0.58
CA ALA A 218 4.78 -30.81 -0.25
C ALA A 218 5.57 -32.11 -0.28
N GLU A 219 5.73 -32.73 0.88
CA GLU A 219 6.46 -34.00 0.96
C GLU A 219 5.74 -35.10 0.20
N LYS A 220 4.41 -35.09 0.24
CA LYS A 220 3.62 -36.06 -0.51
C LYS A 220 3.82 -35.86 -2.01
N HIS A 221 3.81 -34.61 -2.45
CA HIS A 221 4.02 -34.29 -3.86
C HIS A 221 5.40 -34.69 -4.34
N ILE A 222 6.39 -34.52 -3.47
CA ILE A 222 7.77 -34.90 -3.77
C ILE A 222 7.83 -36.39 -4.05
N ALA A 223 7.23 -37.18 -3.15
CA ALA A 223 7.23 -38.63 -3.29
C ALA A 223 6.54 -39.05 -4.59
N GLU A 224 5.44 -38.37 -4.93
CA GLU A 224 4.70 -38.69 -6.15
C GLU A 224 5.52 -38.38 -7.40
N ALA A 225 6.27 -37.29 -7.35
CA ALA A 225 7.12 -36.90 -8.47
C ALA A 225 8.30 -37.86 -8.62
N GLN A 226 8.87 -38.26 -7.49
CA GLN A 226 10.00 -39.19 -7.50
C GLN A 226 9.55 -40.56 -8.00
N ALA A 227 8.35 -40.97 -7.60
CA ALA A 227 7.79 -42.23 -8.04
C ALA A 227 7.54 -42.21 -9.54
N ASP A 228 7.11 -41.05 -10.04
CA ASP A 228 6.84 -40.90 -11.46
C ASP A 228 8.14 -41.01 -12.28
N MET A 229 9.22 -40.44 -11.78
CA MET A 229 10.51 -40.51 -12.46
C MET A 229 11.08 -41.93 -12.46
N SER A 230 10.62 -42.75 -11.53
CA SER A 230 11.12 -44.12 -11.41
C SER A 230 10.25 -45.12 -12.15
N THR A 231 9.19 -44.64 -12.79
CA THR A 231 8.20 -45.52 -13.40
C THR A 231 8.55 -45.90 -14.84
N PHE A 232 8.60 -47.20 -15.11
CA PHE A 232 8.85 -47.71 -16.45
C PHE A 232 7.54 -47.69 -17.26
N PRO A 233 7.62 -47.26 -18.53
CA PRO A 233 8.84 -46.77 -19.20
C PRO A 233 9.04 -45.27 -19.10
N TRP A 234 10.29 -44.85 -18.94
CA TRP A 234 10.66 -43.44 -18.88
C TRP A 234 10.29 -42.70 -20.17
N ASN A 235 9.81 -41.47 -20.02
CA ASN A 235 9.53 -40.61 -21.15
C ASN A 235 10.23 -39.27 -20.94
N GLY A 236 11.35 -39.09 -21.62
CA GLY A 236 12.18 -37.90 -21.48
C GLY A 236 11.51 -36.57 -21.79
N THR A 237 10.41 -36.60 -22.53
CA THR A 237 9.71 -35.37 -22.89
C THR A 237 8.73 -34.94 -21.80
N LYS A 238 8.52 -35.79 -20.81
CA LYS A 238 7.59 -35.49 -19.73
C LYS A 238 8.23 -35.61 -18.35
N GLY A 239 9.11 -36.61 -18.19
CA GLY A 239 9.67 -36.92 -16.89
C GLY A 239 10.53 -35.84 -16.25
N LEU A 240 11.14 -35.00 -17.08
CA LEU A 240 12.05 -33.97 -16.57
C LEU A 240 11.28 -32.80 -15.93
N ASP A 241 9.99 -32.73 -16.20
CA ASP A 241 9.13 -31.71 -15.60
C ASP A 241 9.12 -31.82 -14.07
N ASN A 242 9.41 -33.02 -13.58
CA ASN A 242 9.37 -33.28 -12.15
C ASN A 242 10.49 -32.58 -11.39
N ILE A 243 11.57 -32.24 -12.10
CA ILE A 243 12.73 -31.63 -11.48
C ILE A 243 12.40 -30.28 -10.85
N ALA A 244 11.83 -29.38 -11.64
CA ALA A 244 11.49 -28.04 -11.15
C ALA A 244 10.40 -28.11 -10.07
N LYS A 245 9.50 -29.08 -10.20
CA LYS A 245 8.45 -29.28 -9.20
C LYS A 245 9.05 -29.71 -7.87
N ILE A 246 9.90 -30.74 -7.93
CA ILE A 246 10.59 -31.23 -6.75
C ILE A 246 11.41 -30.12 -6.09
N ASP A 247 12.15 -29.36 -6.88
CA ASP A 247 12.93 -28.23 -6.36
C ASP A 247 12.05 -27.26 -5.56
N ASN A 248 10.90 -26.91 -6.13
CA ASN A 248 9.99 -25.95 -5.50
C ASN A 248 9.41 -26.51 -4.21
N TRP A 249 8.96 -27.76 -4.25
CA TRP A 249 8.36 -28.39 -3.08
C TRP A 249 9.37 -28.57 -1.94
N LYS A 250 10.59 -28.97 -2.27
CA LYS A 250 11.63 -29.11 -1.26
C LYS A 250 11.91 -27.75 -0.61
N ALA A 251 11.95 -26.71 -1.43
CA ALA A 251 12.16 -25.35 -0.95
C ALA A 251 11.01 -24.90 -0.05
N MET A 252 9.80 -25.32 -0.38
CA MET A 252 8.62 -25.00 0.46
C MET A 252 8.79 -25.59 1.85
N VAL A 253 9.29 -26.83 1.90
CA VAL A 253 9.48 -27.54 3.16
C VAL A 253 10.52 -26.83 4.03
N ILE A 254 11.65 -26.50 3.42
CA ILE A 254 12.72 -25.80 4.12
C ILE A 254 12.20 -24.48 4.69
N ALA A 255 11.48 -23.73 3.88
CA ALA A 255 10.95 -22.43 4.28
C ALA A 255 9.96 -22.56 5.44
N CYS A 256 9.02 -23.48 5.32
CA CYS A 256 8.00 -23.65 6.35
C CYS A 256 8.58 -24.16 7.67
N LYS A 257 9.52 -25.09 7.59
CA LYS A 257 10.15 -25.61 8.80
C LYS A 257 10.89 -24.50 9.54
N ALA A 258 11.49 -23.58 8.79
CA ALA A 258 12.22 -22.48 9.39
C ALA A 258 11.29 -21.45 10.02
N VAL A 259 10.13 -21.24 9.41
CA VAL A 259 9.17 -20.29 9.97
C VAL A 259 8.63 -20.85 11.28
N ILE A 260 8.33 -22.14 11.29
CA ILE A 260 7.84 -22.80 12.52
C ILE A 260 8.89 -22.69 13.61
N SER A 261 10.14 -23.00 13.29
CA SER A 261 11.23 -22.93 14.25
C SER A 261 11.40 -21.52 14.82
N TRP A 262 11.30 -20.54 13.93
CA TRP A 262 11.40 -19.12 14.26
C TRP A 262 10.28 -18.68 15.22
N ALA A 263 9.06 -19.09 14.90
CA ALA A 263 7.91 -18.76 15.74
C ALA A 263 8.04 -19.38 17.12
N ARG A 264 8.51 -20.61 17.17
CA ARG A 264 8.65 -21.32 18.43
C ARG A 264 9.82 -20.79 19.26
N ARG A 265 10.86 -20.30 18.59
CA ARG A 265 11.97 -19.69 19.30
C ARG A 265 11.52 -18.35 19.89
N GLN A 266 10.61 -17.68 19.19
CA GLN A 266 9.97 -16.46 19.70
C GLN A 266 9.17 -16.78 20.95
N GLY A 267 8.46 -17.91 20.93
CA GLY A 267 7.71 -18.35 22.08
C GLY A 267 8.62 -18.69 23.25
N ARG A 268 9.78 -19.25 22.93
CA ARG A 268 10.75 -19.61 23.96
C ARG A 268 11.26 -18.35 24.66
N LEU A 269 11.43 -17.28 23.89
CA LEU A 269 11.84 -16.00 24.45
C LEU A 269 10.81 -15.48 25.45
N CYS A 270 9.53 -15.61 25.13
CA CYS A 270 8.46 -15.19 26.04
C CYS A 270 8.50 -15.99 27.33
N LYS A 271 8.68 -17.30 27.20
CA LYS A 271 8.73 -18.19 28.36
C LYS A 271 9.94 -17.85 29.25
N ILE A 272 11.09 -17.62 28.62
CA ILE A 272 12.30 -17.27 29.35
C ILE A 272 12.11 -15.99 30.14
N VAL A 273 11.57 -14.96 29.50
CA VAL A 273 11.37 -13.67 30.15
C VAL A 273 10.38 -13.78 31.30
N ALA A 274 9.30 -14.55 31.10
CA ALA A 274 8.28 -14.72 32.13
C ALA A 274 8.83 -15.46 33.36
N GLU A 275 9.87 -16.25 33.14
CA GLU A 275 10.41 -17.09 34.21
C GLU A 275 11.70 -16.56 34.81
N ASN A 276 12.33 -15.59 34.15
CA ASN A 276 13.64 -15.13 34.60
C ASN A 276 13.78 -13.60 34.68
N PHE A 277 12.93 -12.87 33.98
CA PHE A 277 13.11 -11.41 33.88
C PHE A 277 11.91 -10.61 34.37
N GLU A 278 10.72 -10.97 33.89
CA GLU A 278 9.51 -10.22 34.21
C GLU A 278 9.11 -10.39 35.67
N THR A 279 8.82 -9.28 36.34
CA THR A 279 8.51 -9.31 37.77
C THR A 279 7.00 -9.20 38.04
N ASP A 280 6.25 -8.64 37.10
CA ASP A 280 4.80 -8.54 37.25
C ASP A 280 4.16 -9.90 36.97
N PRO A 281 3.49 -10.48 37.99
CA PRO A 281 2.83 -11.77 37.88
C PRO A 281 1.76 -11.81 36.79
N LYS A 282 1.08 -10.68 36.59
CA LYS A 282 0.03 -10.59 35.58
C LYS A 282 0.65 -10.67 34.19
N ARG A 283 1.80 -10.03 34.02
CA ARG A 283 2.50 -10.05 32.74
C ARG A 283 3.16 -11.41 32.52
N GLN A 284 3.62 -12.03 33.60
CA GLN A 284 4.22 -13.36 33.52
C GLN A 284 3.23 -14.37 32.95
N ALA A 285 2.01 -14.38 33.49
CA ALA A 285 0.96 -15.27 33.01
C ALA A 285 0.65 -14.99 31.55
N GLU A 286 0.69 -13.71 31.18
CA GLU A 286 0.37 -13.28 29.83
C GLU A 286 1.44 -13.75 28.85
N LEU A 287 2.70 -13.63 29.25
CA LEU A 287 3.82 -14.08 28.44
C LEU A 287 3.78 -15.59 28.21
N LEU A 288 3.27 -16.32 29.19
CA LEU A 288 3.15 -17.77 29.08
C LEU A 288 2.01 -18.14 28.12
N GLU A 289 0.96 -17.33 28.10
CA GLU A 289 -0.12 -17.52 27.13
C GLU A 289 0.42 -17.29 25.73
N ILE A 290 1.17 -16.21 25.56
CA ILE A 290 1.75 -15.85 24.27
C ILE A 290 2.72 -16.95 23.82
N ALA A 291 3.49 -17.48 24.77
CA ALA A 291 4.44 -18.55 24.47
C ALA A 291 3.73 -19.77 23.91
N ASP A 292 2.59 -20.12 24.50
CA ASP A 292 1.81 -21.27 24.02
C ASP A 292 1.27 -21.01 22.63
N ILE A 293 0.84 -19.78 22.39
CA ILE A 293 0.34 -19.39 21.08
C ILE A 293 1.43 -19.56 20.03
N CYS A 294 2.62 -19.03 20.32
CA CYS A 294 3.74 -19.11 19.39
C CYS A 294 4.19 -20.55 19.15
N GLN A 295 4.05 -21.38 20.17
CA GLN A 295 4.43 -22.79 20.04
C GLN A 295 3.53 -23.52 19.04
N ARG A 296 2.22 -23.26 19.11
CA ARG A 296 1.24 -23.91 18.25
C ARG A 296 1.10 -23.23 16.89
N ILE A 297 1.25 -21.91 16.89
CA ILE A 297 0.96 -21.08 15.73
C ILE A 297 2.24 -20.47 15.19
N PRO A 298 2.47 -20.56 13.87
CA PRO A 298 1.59 -21.07 12.82
C PRO A 298 1.81 -22.52 12.41
N ALA A 299 2.45 -23.33 13.27
CA ALA A 299 2.63 -24.74 12.98
C ALA A 299 1.29 -25.43 12.79
N GLU A 300 0.34 -25.10 13.66
CA GLU A 300 -0.98 -25.72 13.65
C GLU A 300 -2.03 -24.75 13.13
N PRO A 301 -3.23 -25.25 12.78
CA PRO A 301 -4.33 -24.34 12.46
C PRO A 301 -4.68 -23.45 13.64
N CYS A 302 -5.19 -22.25 13.37
CA CYS A 302 -5.64 -21.36 14.44
C CYS A 302 -6.98 -21.83 15.00
N LYS A 303 -7.16 -21.65 16.30
CA LYS A 303 -8.39 -22.09 16.95
C LYS A 303 -9.20 -20.91 17.47
N GLY A 304 -8.52 -19.80 17.75
CA GLY A 304 -9.17 -18.61 18.26
C GLY A 304 -8.60 -17.32 17.69
N LEU A 305 -9.17 -16.20 18.10
CA LEU A 305 -8.81 -14.91 17.54
C LEU A 305 -7.37 -14.51 17.87
N LYS A 306 -6.91 -14.85 19.07
CA LYS A 306 -5.54 -14.57 19.45
C LYS A 306 -4.57 -15.37 18.57
N ASP A 307 -4.86 -16.65 18.35
CA ASP A 307 -4.10 -17.47 17.42
C ASP A 307 -4.03 -16.80 16.06
N ALA A 308 -5.19 -16.43 15.54
CA ALA A 308 -5.30 -15.87 14.19
C ALA A 308 -4.51 -14.58 14.03
N MET A 309 -4.57 -13.72 15.04
CA MET A 309 -3.86 -12.45 14.95
C MET A 309 -2.35 -12.64 14.96
N GLN A 310 -1.88 -13.57 15.77
CA GLN A 310 -0.45 -13.87 15.83
C GLN A 310 0.02 -14.54 14.54
N ALA A 311 -0.80 -15.45 14.01
CA ALA A 311 -0.50 -16.11 12.74
C ALA A 311 -0.37 -15.08 11.62
N LYS A 312 -1.34 -14.18 11.58
CA LYS A 312 -1.42 -13.16 10.55
C LYS A 312 -0.22 -12.23 10.63
N PHE A 313 0.19 -11.88 11.85
CA PHE A 313 1.31 -10.98 12.01
C PHE A 313 2.63 -11.66 11.61
N PHE A 314 2.80 -12.93 12.02
CA PHE A 314 3.97 -13.72 11.63
C PHE A 314 4.06 -13.78 10.09
N THR A 315 2.94 -14.15 9.48
CA THR A 315 2.85 -14.29 8.02
C THR A 315 3.15 -12.98 7.32
N PHE A 316 2.68 -11.88 7.91
CA PHE A 316 2.96 -10.55 7.38
C PHE A 316 4.46 -10.26 7.39
N LEU A 317 5.10 -10.58 8.50
CA LEU A 317 6.54 -10.34 8.64
C LEU A 317 7.33 -11.07 7.56
N ILE A 318 6.99 -12.33 7.33
CA ILE A 318 7.70 -13.13 6.33
C ILE A 318 7.48 -12.59 4.93
N CYS A 319 6.21 -12.36 4.58
CA CYS A 319 5.85 -12.03 3.20
C CYS A 319 6.18 -10.59 2.82
N HIS A 320 6.19 -9.69 3.80
CA HIS A 320 6.38 -8.27 3.52
C HIS A 320 7.75 -7.73 3.96
N ALA A 321 8.49 -8.49 4.76
CA ALA A 321 9.75 -7.98 5.31
C ALA A 321 10.93 -8.95 5.24
N ILE A 322 10.74 -10.19 5.66
CA ILE A 322 11.87 -11.09 5.84
C ILE A 322 12.22 -11.89 4.58
N GLU A 323 11.26 -12.56 3.98
CA GLU A 323 11.54 -13.30 2.74
C GLU A 323 11.90 -12.32 1.64
N ARG A 324 11.13 -11.23 1.57
CA ARG A 324 11.36 -10.17 0.60
C ARG A 324 10.68 -8.89 1.08
N TYR A 325 11.17 -7.74 0.65
CA TYR A 325 10.46 -6.50 0.94
C TYR A 325 9.20 -6.43 0.11
N ALA A 326 8.12 -6.03 0.75
CA ALA A 326 6.91 -5.66 0.04
C ALA A 326 6.17 -4.58 0.81
N SER A 327 5.90 -3.47 0.14
CA SER A 327 5.05 -2.45 0.73
C SER A 327 3.66 -3.04 0.86
N GLY A 328 2.81 -2.40 1.66
CA GLY A 328 1.42 -2.81 1.74
C GLY A 328 1.03 -3.61 2.96
N TYR A 329 -0.28 -3.89 3.05
CA TYR A 329 -0.85 -4.67 4.13
C TYR A 329 -2.14 -5.29 3.61
N ALA A 330 -2.16 -5.62 2.32
CA ALA A 330 -3.37 -6.12 1.67
C ALA A 330 -3.89 -7.38 2.32
N GLN A 331 -5.19 -7.39 2.57
CA GLN A 331 -5.88 -8.47 3.25
C GLN A 331 -7.34 -8.06 3.39
N LYS A 332 -8.23 -9.04 3.49
CA LYS A 332 -9.63 -8.78 3.82
C LYS A 332 -9.81 -9.10 5.29
N GLU A 333 -9.45 -8.16 6.16
CA GLU A 333 -9.22 -8.52 7.55
C GLU A 333 -10.46 -8.99 8.28
N ASP A 334 -11.61 -8.36 8.02
CA ASP A 334 -12.82 -8.79 8.70
C ASP A 334 -13.21 -10.20 8.27
N THR A 335 -13.21 -10.46 6.97
CA THR A 335 -13.58 -11.78 6.45
C THR A 335 -12.55 -12.83 6.86
N LEU A 336 -11.28 -12.45 6.87
CA LEU A 336 -10.20 -13.35 7.24
C LEU A 336 -10.28 -13.78 8.71
N LEU A 337 -10.51 -12.81 9.59
CA LEU A 337 -10.50 -13.06 11.02
C LEU A 337 -11.84 -13.53 11.58
N TRP A 338 -12.91 -13.33 10.81
CA TRP A 338 -14.26 -13.62 11.29
C TRP A 338 -14.46 -15.01 11.92
N PRO A 339 -13.98 -16.09 11.27
CA PRO A 339 -14.20 -17.41 11.90
C PRO A 339 -13.53 -17.54 13.27
N TYR A 340 -12.46 -16.79 13.48
CA TYR A 340 -11.70 -16.89 14.72
C TYR A 340 -12.24 -15.91 15.76
N TYR A 341 -12.77 -14.79 15.29
CA TYR A 341 -13.59 -13.91 16.12
C TYR A 341 -14.83 -14.67 16.60
N LYS A 342 -15.42 -15.45 15.70
CA LYS A 342 -16.62 -16.22 16.04
C LYS A 342 -16.31 -17.26 17.11
N ALA A 343 -15.17 -17.94 16.95
CA ALA A 343 -14.75 -18.97 17.90
C ALA A 343 -14.49 -18.38 19.29
N SER A 344 -13.95 -17.17 19.33
CA SER A 344 -13.53 -16.55 20.57
C SER A 344 -14.61 -15.73 21.26
N VAL A 345 -15.19 -14.78 20.52
CA VAL A 345 -16.14 -13.85 21.12
C VAL A 345 -17.57 -14.39 21.09
N VAL A 346 -17.98 -14.94 19.96
CA VAL A 346 -19.37 -15.33 19.77
C VAL A 346 -19.70 -16.67 20.44
N ASP A 347 -18.94 -17.70 20.09
CA ASP A 347 -19.21 -19.04 20.62
C ASP A 347 -18.36 -19.37 21.84
N LYS A 348 -17.28 -18.61 22.01
CA LYS A 348 -16.38 -18.75 23.15
C LYS A 348 -15.87 -20.19 23.33
N LYS A 349 -15.60 -20.87 22.22
CA LYS A 349 -15.13 -22.26 22.24
C LYS A 349 -13.65 -22.36 22.56
N PHE A 350 -12.87 -21.41 22.08
CA PHE A 350 -11.44 -21.37 22.35
C PHE A 350 -10.99 -19.92 22.43
N GLN A 351 -10.07 -19.65 23.35
CA GLN A 351 -9.65 -18.29 23.65
C GLN A 351 -10.86 -17.38 23.82
N PRO A 352 -11.69 -17.66 24.84
CA PRO A 352 -12.90 -16.85 25.04
C PRO A 352 -12.57 -15.38 25.26
N MET A 353 -13.28 -14.50 24.56
CA MET A 353 -13.00 -13.08 24.62
C MET A 353 -14.29 -12.28 24.57
N SER A 354 -14.23 -11.06 25.08
CA SER A 354 -15.30 -10.11 24.89
C SER A 354 -15.04 -9.33 23.62
N HIS A 355 -16.04 -8.64 23.10
CA HIS A 355 -15.87 -7.81 21.91
C HIS A 355 -14.83 -6.72 22.15
N MET A 356 -14.78 -6.20 23.38
CA MET A 356 -13.80 -5.16 23.70
C MET A 356 -12.39 -5.74 23.74
N ASP A 357 -12.27 -7.02 24.08
CA ASP A 357 -10.98 -7.70 24.02
C ASP A 357 -10.50 -7.75 22.57
N ALA A 358 -11.44 -7.98 21.66
CA ALA A 358 -11.13 -8.02 20.24
C ALA A 358 -10.71 -6.64 19.75
N VAL A 359 -11.41 -5.61 20.23
CA VAL A 359 -11.08 -4.23 19.92
C VAL A 359 -9.65 -3.91 20.39
N GLU A 360 -9.30 -4.32 21.60
CA GLU A 360 -7.98 -4.07 22.13
C GLU A 360 -6.91 -4.78 21.30
N LEU A 361 -7.22 -6.00 20.86
CA LEU A 361 -6.28 -6.77 20.06
C LEU A 361 -5.98 -6.09 18.73
N VAL A 362 -7.01 -5.50 18.13
CA VAL A 362 -6.83 -4.77 16.88
C VAL A 362 -6.04 -3.49 17.14
N GLU A 363 -6.29 -2.85 18.27
CA GLU A 363 -5.50 -1.68 18.67
C GLU A 363 -4.03 -2.05 18.72
N MET A 364 -3.74 -3.18 19.34
CA MET A 364 -2.36 -3.64 19.48
C MET A 364 -1.77 -3.98 18.11
N GLU A 365 -2.60 -4.46 17.20
CA GLU A 365 -2.14 -4.73 15.83
C GLU A 365 -1.71 -3.43 15.16
N ARG A 366 -2.55 -2.41 15.27
CA ARG A 366 -2.28 -1.11 14.66
C ARG A 366 -0.98 -0.49 15.19
N LEU A 367 -0.68 -0.77 16.44
CA LEU A 367 0.52 -0.23 17.07
C LEU A 367 1.76 -0.98 16.61
N LYS A 368 1.64 -2.30 16.45
CA LYS A 368 2.74 -3.12 15.94
C LYS A 368 3.09 -2.71 14.51
N ILE A 369 2.07 -2.43 13.71
CA ILE A 369 2.27 -1.95 12.35
C ILE A 369 2.92 -0.58 12.39
N SER A 370 2.54 0.24 13.36
CA SER A 370 3.14 1.56 13.53
C SER A 370 4.61 1.47 13.92
N GLU A 371 5.01 0.37 14.54
CA GLU A 371 6.41 0.14 14.94
C GLU A 371 7.23 -0.57 13.87
N HIS A 372 6.58 -1.00 12.79
CA HIS A 372 7.25 -1.77 11.75
C HIS A 372 8.21 -0.91 10.93
N GLY A 373 9.51 -1.08 11.17
CA GLY A 373 10.51 -0.37 10.41
C GLY A 373 10.59 -0.90 9.00
N ALA A 374 10.32 -0.04 8.02
CA ALA A 374 10.27 -0.48 6.64
C ALA A 374 11.59 -0.20 5.94
N GLY A 375 12.22 -1.24 5.42
CA GLY A 375 13.48 -1.12 4.73
C GLY A 375 13.35 -0.76 3.26
N LYS A 376 12.38 0.08 2.94
CA LYS A 376 12.22 0.60 1.59
C LYS A 376 13.36 1.58 1.28
N SER A 377 13.58 1.85 0.00
CA SER A 377 14.66 2.75 -0.40
C SER A 377 14.38 4.18 0.06
N ARG A 378 15.44 4.96 0.24
CA ARG A 378 15.32 6.33 0.72
C ARG A 378 14.47 7.19 -0.20
N ALA A 379 14.58 6.92 -1.50
CA ALA A 379 13.84 7.69 -2.50
C ALA A 379 12.34 7.48 -2.37
N TYR A 380 11.94 6.29 -1.94
CA TYR A 380 10.52 5.98 -1.78
C TYR A 380 10.00 6.34 -0.40
N ARG A 381 10.85 6.96 0.42
CA ARG A 381 10.40 7.53 1.69
C ARG A 381 9.96 8.98 1.48
N GLU A 382 10.73 9.70 0.67
CA GLU A 382 10.51 11.13 0.44
C GLU A 382 9.14 11.43 -0.17
N ILE A 383 8.63 10.49 -0.96
CA ILE A 383 7.35 10.68 -1.63
C ILE A 383 6.22 10.68 -0.60
N PHE A 384 6.41 9.97 0.51
CA PHE A 384 5.39 9.89 1.55
C PHE A 384 5.87 10.45 2.89
N PRO A 385 5.96 11.79 3.01
CA PRO A 385 6.41 12.40 4.27
C PRO A 385 5.44 12.15 5.42
N GLY A 386 5.98 11.78 6.58
CA GLY A 386 5.17 11.55 7.76
C GLY A 386 4.67 10.14 7.92
N SER A 387 5.08 9.26 7.02
CA SER A 387 4.66 7.86 7.06
C SER A 387 5.87 6.94 7.18
N ASN A 388 5.66 5.73 7.69
CA ASN A 388 6.73 4.74 7.71
C ASN A 388 6.64 3.88 6.45
N ASP A 389 5.43 3.49 6.07
CA ASP A 389 5.19 2.78 4.82
C ASP A 389 3.69 2.82 4.55
N LEU A 390 3.27 2.35 3.38
CA LEU A 390 1.86 2.27 3.04
C LEU A 390 1.28 0.95 3.53
N PHE A 391 0.38 0.99 4.48
CA PHE A 391 -0.30 -0.21 4.95
C PHE A 391 -1.80 -0.04 4.76
N ILE A 392 -2.36 -0.73 3.76
CA ILE A 392 -3.79 -0.60 3.47
C ILE A 392 -4.51 -1.94 3.56
N LEU A 393 -5.39 -2.08 4.55
CA LEU A 393 -6.22 -3.27 4.69
C LEU A 393 -7.64 -2.98 4.21
N THR A 394 -8.37 -4.03 3.84
CA THR A 394 -9.71 -3.87 3.29
C THR A 394 -10.76 -4.60 4.12
N VAL A 395 -11.92 -3.96 4.30
CA VAL A 395 -13.05 -4.56 5.00
C VAL A 395 -14.34 -4.29 4.22
N GLY A 396 -15.45 -4.83 4.70
CA GLY A 396 -16.75 -4.55 4.12
C GLY A 396 -17.09 -5.39 2.90
N GLY A 397 -17.80 -4.77 1.96
CA GLY A 397 -18.11 -5.43 0.70
C GLY A 397 -19.14 -6.54 0.77
N THR A 398 -18.96 -7.54 -0.09
CA THR A 398 -19.94 -8.62 -0.22
C THR A 398 -19.28 -9.99 -0.29
N ASN A 399 -20.05 -11.03 0.06
CA ASN A 399 -19.55 -12.40 -0.04
C ASN A 399 -19.80 -12.96 -1.42
N ALA A 400 -19.54 -14.26 -1.58
CA ALA A 400 -19.63 -14.93 -2.88
C ALA A 400 -21.04 -14.90 -3.47
N LYS A 401 -22.04 -14.70 -2.62
CA LYS A 401 -23.43 -14.67 -3.09
C LYS A 401 -23.92 -13.24 -3.31
N GLY A 402 -23.04 -12.27 -3.08
CA GLY A 402 -23.39 -10.87 -3.22
C GLY A 402 -24.13 -10.31 -2.04
N GLU A 403 -24.11 -11.04 -0.93
CA GLU A 403 -24.74 -10.59 0.31
C GLU A 403 -23.74 -9.80 1.15
N ASP A 404 -24.23 -9.09 2.16
CA ASP A 404 -23.41 -8.25 3.01
C ASP A 404 -22.28 -9.06 3.67
N ALA A 405 -21.04 -8.57 3.56
CA ALA A 405 -19.92 -9.24 4.20
C ALA A 405 -19.54 -8.58 5.53
N CYS A 406 -20.22 -7.47 5.85
CA CYS A 406 -19.96 -6.77 7.11
C CYS A 406 -20.36 -7.62 8.30
N ASN A 407 -19.54 -7.58 9.35
CA ASN A 407 -19.85 -8.29 10.59
C ASN A 407 -19.24 -7.56 11.78
N ASP A 408 -19.34 -8.17 12.96
CA ASP A 408 -18.88 -7.50 14.17
C ASP A 408 -17.35 -7.40 14.22
N MET A 409 -16.67 -8.28 13.48
CA MET A 409 -15.21 -8.15 13.39
C MET A 409 -14.89 -6.88 12.60
N THR A 410 -15.68 -6.59 11.58
CA THR A 410 -15.54 -5.34 10.84
C THR A 410 -15.63 -4.16 11.78
N ASP A 411 -16.64 -4.18 12.65
CA ASP A 411 -16.87 -3.09 13.60
C ASP A 411 -15.73 -2.97 14.61
N ALA A 412 -15.22 -4.11 15.08
CA ALA A 412 -14.09 -4.12 16.01
C ALA A 412 -12.87 -3.46 15.38
N ILE A 413 -12.65 -3.74 14.10
CA ILE A 413 -11.54 -3.18 13.35
C ILE A 413 -11.69 -1.67 13.24
N LEU A 414 -12.90 -1.22 12.96
CA LEU A 414 -13.18 0.19 12.77
C LEU A 414 -13.11 0.97 14.08
N GLU A 415 -13.68 0.40 15.13
CA GLU A 415 -13.67 1.06 16.44
C GLU A 415 -12.24 1.23 16.94
N ALA A 416 -11.43 0.20 16.75
CA ALA A 416 -10.03 0.24 17.18
C ALA A 416 -9.29 1.38 16.51
N ALA A 417 -9.58 1.60 15.23
CA ALA A 417 -8.97 2.70 14.50
C ALA A 417 -9.42 4.05 15.07
N LYS A 418 -10.72 4.18 15.33
CA LYS A 418 -11.27 5.40 15.88
C LYS A 418 -10.68 5.70 17.25
N ARG A 419 -10.41 4.64 18.02
CA ARG A 419 -9.94 4.78 19.39
C ARG A 419 -8.45 5.11 19.49
N ILE A 420 -7.62 4.38 18.76
CA ILE A 420 -6.17 4.46 18.98
C ILE A 420 -5.57 5.62 18.20
N ARG A 421 -6.24 6.04 17.14
CA ARG A 421 -5.82 7.17 16.31
C ARG A 421 -4.35 7.10 15.89
N THR A 422 -4.03 6.11 15.05
CA THR A 422 -2.72 6.04 14.39
C THR A 422 -2.91 6.25 12.90
N ALA A 423 -1.92 6.86 12.26
CA ALA A 423 -2.00 7.15 10.83
C ALA A 423 -2.06 5.85 10.02
N GLU A 424 -1.30 4.86 10.45
CA GLU A 424 -1.25 3.57 9.78
C GLU A 424 -1.71 2.47 10.74
N PRO A 425 -2.29 1.39 10.21
CA PRO A 425 -2.60 1.16 8.79
C PRO A 425 -3.86 1.85 8.32
N SER A 426 -3.89 2.26 7.06
CA SER A 426 -5.09 2.86 6.49
C SER A 426 -6.09 1.74 6.19
N ILE A 427 -7.34 2.13 5.94
CA ILE A 427 -8.40 1.15 5.71
C ILE A 427 -9.17 1.47 4.43
N VAL A 428 -9.48 0.43 3.66
CA VAL A 428 -10.38 0.57 2.53
C VAL A 428 -11.69 -0.13 2.87
N PHE A 429 -12.80 0.57 2.69
CA PHE A 429 -14.10 -0.05 2.88
C PHE A 429 -14.77 -0.23 1.53
N ARG A 430 -15.08 -1.48 1.18
CA ARG A 430 -15.82 -1.77 -0.04
C ARG A 430 -17.30 -1.51 0.21
N TYR A 431 -17.84 -0.49 -0.45
CA TYR A 431 -19.21 -0.10 -0.22
C TYR A 431 -20.18 -0.74 -1.19
N SER A 432 -21.21 -1.37 -0.62
CA SER A 432 -22.32 -1.91 -1.39
C SER A 432 -23.62 -1.43 -0.73
N LYS A 433 -24.71 -1.46 -1.49
CA LYS A 433 -26.01 -1.10 -0.96
C LYS A 433 -26.45 -2.10 0.10
N LYS A 434 -25.85 -3.29 0.06
CA LYS A 434 -26.17 -4.35 1.00
C LYS A 434 -25.62 -4.10 2.40
N ASN A 435 -24.58 -3.27 2.49
CA ASN A 435 -23.88 -3.04 3.76
C ASN A 435 -24.80 -2.52 4.86
N ARG A 436 -24.81 -3.21 5.99
CA ARG A 436 -25.66 -2.86 7.13
C ARG A 436 -25.29 -1.49 7.68
N GLU A 437 -26.27 -0.81 8.26
CA GLU A 437 -26.10 0.53 8.78
C GLU A 437 -25.21 0.57 10.01
N LYS A 438 -25.27 -0.49 10.80
CA LYS A 438 -24.47 -0.61 12.02
C LYS A 438 -22.97 -0.49 11.75
N THR A 439 -22.53 -1.07 10.63
CA THR A 439 -21.13 -1.01 10.25
C THR A 439 -20.80 0.31 9.55
N LEU A 440 -21.74 0.80 8.75
CA LEU A 440 -21.58 2.09 8.09
C LEU A 440 -21.38 3.23 9.09
N ARG A 441 -22.06 3.13 10.23
CA ARG A 441 -21.92 4.14 11.28
C ARG A 441 -20.50 4.14 11.84
N TRP A 442 -19.91 2.95 11.94
CA TRP A 442 -18.53 2.84 12.40
C TRP A 442 -17.57 3.43 11.36
N VAL A 443 -17.89 3.22 10.09
CA VAL A 443 -17.11 3.81 9.00
C VAL A 443 -17.16 5.33 9.13
N PHE A 444 -18.36 5.85 9.35
CA PHE A 444 -18.56 7.28 9.44
C PHE A 444 -17.85 7.88 10.65
N GLU A 445 -17.81 7.15 11.76
CA GLU A 445 -17.14 7.61 12.97
C GLU A 445 -15.66 7.91 12.71
N CYS A 446 -15.01 7.03 11.95
CA CYS A 446 -13.61 7.21 11.60
C CYS A 446 -13.43 8.43 10.69
N ILE A 447 -14.29 8.54 9.69
CA ILE A 447 -14.20 9.62 8.71
C ILE A 447 -14.51 10.96 9.35
N ARG A 448 -15.52 11.00 10.22
CA ARG A 448 -15.93 12.23 10.86
C ARG A 448 -14.87 12.72 11.86
N ASP A 449 -13.97 11.82 12.24
CA ASP A 449 -12.89 12.17 13.17
C ASP A 449 -11.65 12.65 12.42
N GLY A 450 -11.78 12.80 11.11
CA GLY A 450 -10.71 13.36 10.30
C GLY A 450 -9.55 12.43 9.99
N LEU A 451 -9.74 11.14 10.23
CA LEU A 451 -8.67 10.16 10.02
C LEU A 451 -8.28 10.03 8.55
N GLY A 452 -9.20 10.35 7.66
CA GLY A 452 -8.96 10.22 6.24
C GLY A 452 -9.29 8.85 5.70
N TYR A 453 -9.55 7.91 6.61
CA TYR A 453 -9.95 6.57 6.24
C TYR A 453 -11.11 6.12 7.14
N PRO A 454 -11.88 5.10 6.74
CA PRO A 454 -11.80 4.28 5.53
C PRO A 454 -12.04 5.06 4.24
N SER A 455 -11.23 4.76 3.23
CA SER A 455 -11.48 5.26 1.89
C SER A 455 -12.49 4.32 1.23
N ILE A 456 -13.40 4.88 0.45
CA ILE A 456 -14.53 4.11 -0.07
C ILE A 456 -14.28 3.65 -1.50
N LYS A 457 -14.27 2.34 -1.70
CA LYS A 457 -14.21 1.76 -3.05
C LYS A 457 -15.57 1.20 -3.44
N HIS A 458 -15.90 1.33 -4.71
CA HIS A 458 -17.16 0.83 -5.26
C HIS A 458 -17.09 -0.69 -5.36
N ASP A 459 -17.95 -1.38 -4.61
CA ASP A 459 -17.87 -2.84 -4.51
C ASP A 459 -18.10 -3.54 -5.85
N GLU A 460 -19.17 -3.17 -6.54
CA GLU A 460 -19.52 -3.83 -7.79
C GLU A 460 -18.49 -3.60 -8.88
N ILE A 461 -17.91 -2.40 -8.91
CA ILE A 461 -16.91 -2.06 -9.93
C ILE A 461 -15.68 -2.95 -9.79
N GLY A 462 -15.26 -3.19 -8.54
CA GLY A 462 -14.11 -4.05 -8.29
C GLY A 462 -14.39 -5.50 -8.62
N THR A 463 -15.58 -5.96 -8.24
CA THR A 463 -15.97 -7.36 -8.46
C THR A 463 -16.06 -7.69 -9.95
N GLU A 464 -16.68 -6.80 -10.72
CA GLU A 464 -16.79 -7.00 -12.17
C GLU A 464 -15.40 -6.98 -12.81
N GLN A 465 -14.53 -6.13 -12.27
CA GLN A 465 -13.16 -6.02 -12.74
C GLN A 465 -12.39 -7.33 -12.55
N MET A 466 -12.70 -8.05 -11.47
CA MET A 466 -12.07 -9.34 -11.22
C MET A 466 -12.57 -10.39 -12.20
N LYS A 467 -13.84 -10.30 -12.59
CA LYS A 467 -14.42 -11.21 -13.57
C LYS A 467 -13.80 -10.97 -14.94
N GLU A 468 -13.54 -9.71 -15.26
CA GLU A 468 -12.98 -9.34 -16.56
C GLU A 468 -11.55 -9.86 -16.71
N TYR A 469 -10.72 -9.64 -15.70
CA TYR A 469 -9.35 -10.12 -15.74
C TYR A 469 -9.30 -11.65 -15.74
N ALA A 470 -10.22 -12.28 -15.03
CA ALA A 470 -10.25 -13.73 -14.92
C ALA A 470 -10.38 -14.41 -16.29
N LYS A 471 -10.97 -13.70 -17.25
CA LYS A 471 -11.15 -14.23 -18.60
C LYS A 471 -9.82 -14.51 -19.30
N PHE A 472 -8.76 -13.84 -18.85
CA PHE A 472 -7.48 -13.91 -19.54
C PHE A 472 -6.49 -14.90 -18.91
N SER A 473 -6.96 -15.65 -17.91
CA SER A 473 -6.12 -16.62 -17.21
C SER A 473 -5.44 -17.59 -18.16
N LEU A 474 -4.11 -17.67 -18.09
CA LEU A 474 -3.35 -18.50 -19.02
C LEU A 474 -3.58 -20.00 -18.78
N ASN A 475 -4.02 -20.38 -17.59
CA ASN A 475 -4.34 -21.79 -17.36
C ASN A 475 -5.84 -22.00 -17.16
N GLY A 476 -6.62 -20.99 -17.55
CA GLY A 476 -8.07 -21.07 -17.44
C GLY A 476 -8.57 -21.25 -16.01
N ASN A 477 -7.80 -20.75 -15.04
CA ASN A 477 -8.20 -20.86 -13.65
C ASN A 477 -8.24 -19.49 -12.98
N GLY A 478 -8.79 -18.51 -13.68
CA GLY A 478 -9.01 -17.20 -13.09
C GLY A 478 -10.08 -17.27 -12.01
N ALA A 479 -10.35 -16.14 -11.37
CA ALA A 479 -11.36 -16.10 -10.33
C ALA A 479 -12.74 -16.47 -10.88
N THR A 480 -13.45 -17.35 -10.17
CA THR A 480 -14.84 -17.64 -10.51
C THR A 480 -15.70 -16.44 -10.19
N ASP A 481 -16.96 -16.47 -10.62
CA ASP A 481 -17.91 -15.40 -10.34
C ASP A 481 -18.08 -15.21 -8.83
N GLU A 482 -17.95 -16.30 -8.09
CA GLU A 482 -18.00 -16.24 -6.62
C GLU A 482 -16.72 -15.68 -6.03
N GLU A 483 -15.58 -16.14 -6.54
CA GLU A 483 -14.27 -15.69 -6.05
C GLU A 483 -14.07 -14.20 -6.37
N ALA A 484 -14.75 -13.73 -7.41
CA ALA A 484 -14.62 -12.35 -7.84
C ALA A 484 -15.03 -11.36 -6.75
N HIS A 485 -15.90 -11.79 -5.84
CA HIS A 485 -16.31 -10.96 -4.71
C HIS A 485 -15.22 -10.88 -3.64
N ASN A 486 -14.25 -11.80 -3.68
CA ASN A 486 -13.16 -11.81 -2.73
C ASN A 486 -12.03 -10.93 -3.20
N TRP A 487 -12.19 -9.61 -3.06
CA TRP A 487 -11.11 -8.72 -3.49
C TRP A 487 -10.76 -7.65 -2.47
N VAL A 488 -9.50 -7.23 -2.51
CA VAL A 488 -8.95 -6.22 -1.62
C VAL A 488 -8.15 -5.24 -2.46
N ASN A 489 -7.80 -4.09 -1.88
CA ASN A 489 -6.87 -3.20 -2.55
C ASN A 489 -5.45 -3.73 -2.31
N VAL A 490 -4.66 -3.77 -3.37
CA VAL A 490 -3.28 -4.25 -3.27
C VAL A 490 -2.47 -3.25 -2.46
N LEU A 491 -2.42 -2.01 -2.92
CA LEU A 491 -1.91 -0.92 -2.12
C LEU A 491 -3.03 0.09 -1.91
N CYS A 492 -2.89 1.27 -2.49
CA CYS A 492 -3.86 2.34 -2.27
C CYS A 492 -5.16 2.16 -3.05
N MET A 493 -5.04 1.84 -4.35
CA MET A 493 -6.18 2.02 -5.25
C MET A 493 -6.58 0.82 -6.09
N SER A 494 -5.72 -0.18 -6.21
CA SER A 494 -5.97 -1.26 -7.18
C SER A 494 -6.53 -2.53 -6.56
N PRO A 495 -7.69 -2.98 -7.07
CA PRO A 495 -8.31 -4.22 -6.61
C PRO A 495 -7.51 -5.47 -6.97
N GLY A 496 -7.59 -6.48 -6.12
CA GLY A 496 -7.00 -7.77 -6.39
C GLY A 496 -7.62 -8.85 -5.55
N ILE A 497 -7.57 -10.08 -6.03
CA ILE A 497 -8.11 -11.23 -5.32
C ILE A 497 -7.40 -11.47 -3.98
N HIS A 498 -8.16 -11.80 -2.95
CA HIS A 498 -7.59 -12.30 -1.70
C HIS A 498 -8.08 -13.73 -1.49
N GLY A 499 -7.35 -14.50 -0.68
CA GLY A 499 -7.75 -15.86 -0.38
C GLY A 499 -6.60 -16.84 -0.38
N ARG A 500 -6.92 -18.13 -0.50
CA ARG A 500 -5.92 -19.20 -0.44
C ARG A 500 -5.18 -19.37 -1.76
N ARG A 501 -5.64 -18.68 -2.80
CA ARG A 501 -5.16 -18.93 -4.14
C ARG A 501 -5.40 -17.72 -5.04
N LYS A 502 -4.60 -17.60 -6.10
CA LYS A 502 -4.82 -16.63 -7.19
C LYS A 502 -4.52 -15.18 -6.79
N THR A 503 -3.94 -14.98 -5.61
CA THR A 503 -3.60 -13.64 -5.16
C THR A 503 -2.38 -13.10 -5.90
N GLN A 504 -2.31 -11.78 -6.05
CA GLN A 504 -1.17 -11.15 -6.70
C GLN A 504 0.07 -11.25 -5.81
N LYS A 505 1.19 -11.67 -6.39
CA LYS A 505 2.38 -11.99 -5.59
C LYS A 505 3.49 -10.96 -5.71
N THR A 506 3.37 -10.03 -6.64
CA THR A 506 4.44 -9.09 -6.91
C THR A 506 3.93 -7.83 -7.60
N ARG A 507 4.60 -6.71 -7.37
CA ARG A 507 4.26 -5.46 -8.02
C ARG A 507 4.59 -5.52 -9.51
N SER A 508 5.37 -6.51 -9.90
CA SER A 508 5.65 -6.75 -11.32
C SER A 508 4.38 -7.08 -12.10
N GLU A 509 3.41 -7.71 -11.43
CA GLU A 509 2.13 -8.01 -12.07
C GLU A 509 1.37 -6.71 -12.38
N GLY A 510 1.32 -5.83 -11.40
CA GLY A 510 0.63 -4.56 -11.54
C GLY A 510 1.09 -3.52 -10.54
N GLY A 511 1.13 -2.27 -10.98
CA GLY A 511 1.67 -1.20 -10.16
C GLY A 511 2.75 -0.45 -10.93
N GLY A 512 3.13 0.72 -10.43
CA GLY A 512 4.07 1.57 -11.14
C GLY A 512 3.33 2.73 -11.75
N SER A 513 4.04 3.83 -11.99
CA SER A 513 3.38 5.07 -12.42
C SER A 513 3.88 5.61 -13.74
N ILE A 514 3.05 6.46 -14.36
CA ILE A 514 3.38 7.18 -15.58
C ILE A 514 2.75 8.57 -15.45
N PHE A 515 3.38 9.59 -16.04
CA PHE A 515 2.96 10.97 -15.79
C PHE A 515 2.60 11.73 -17.08
N PRO A 516 1.33 11.67 -17.49
CA PRO A 516 0.81 12.34 -18.69
C PRO A 516 1.07 13.84 -18.76
N ALA A 517 1.18 14.50 -17.62
CA ALA A 517 1.44 15.94 -17.60
C ALA A 517 2.81 16.25 -18.22
N LYS A 518 3.83 15.53 -17.76
CA LYS A 518 5.18 15.70 -18.28
C LYS A 518 5.26 15.30 -19.76
N LEU A 519 4.55 14.24 -20.12
CA LEU A 519 4.52 13.76 -21.49
C LEU A 519 3.92 14.80 -22.44
N LEU A 520 3.05 15.65 -21.90
CA LEU A 520 2.48 16.74 -22.69
C LEU A 520 3.51 17.84 -22.91
N GLU A 521 4.29 18.12 -21.86
CA GLU A 521 5.36 19.10 -21.95
C GLU A 521 6.34 18.79 -23.08
N ILE A 522 6.86 17.56 -23.06
CA ILE A 522 7.89 17.17 -24.01
C ILE A 522 7.31 16.98 -25.41
N SER A 523 5.99 16.85 -25.48
CA SER A 523 5.32 16.82 -26.78
C SER A 523 5.43 18.18 -27.45
N LEU A 524 5.44 19.23 -26.64
CA LEU A 524 5.56 20.59 -27.13
C LEU A 524 7.00 21.07 -27.12
N ASN A 525 7.93 20.12 -27.13
CA ASN A 525 9.35 20.46 -27.11
C ASN A 525 10.20 19.32 -27.69
N ASP A 526 9.62 18.61 -28.66
CA ASP A 526 10.32 17.56 -29.41
C ASP A 526 10.91 16.48 -28.50
N GLY A 527 10.15 16.08 -27.48
CA GLY A 527 10.58 15.02 -26.58
C GLY A 527 11.63 15.44 -25.57
N TYR A 528 11.90 16.74 -25.48
CA TYR A 528 12.92 17.24 -24.58
C TYR A 528 12.31 17.82 -23.31
N ASP A 529 12.74 17.30 -22.17
CA ASP A 529 12.28 17.79 -20.88
C ASP A 529 13.16 18.94 -20.39
N TRP A 530 12.77 20.16 -20.71
CA TRP A 530 13.54 21.33 -20.34
C TRP A 530 13.29 21.75 -18.89
N SER A 531 12.09 21.45 -18.39
CA SER A 531 11.64 21.98 -17.10
C SER A 531 12.27 21.27 -15.90
N TYR A 532 12.57 19.99 -16.04
CA TYR A 532 13.10 19.24 -14.91
C TYR A 532 14.42 18.53 -15.21
N ALA A 533 14.36 17.47 -16.02
CA ALA A 533 15.51 16.62 -16.24
C ALA A 533 16.60 17.27 -17.10
N ASP A 534 16.20 18.26 -17.91
CA ASP A 534 17.09 18.92 -18.84
C ASP A 534 17.78 17.91 -19.76
N MET A 535 16.97 17.07 -20.40
CA MET A 535 17.47 16.04 -21.30
C MET A 535 16.38 15.58 -22.27
N GLN A 536 16.79 14.77 -23.25
CA GLN A 536 15.84 14.16 -24.16
C GLN A 536 15.10 13.03 -23.44
N LEU A 537 13.84 13.28 -23.09
CA LEU A 537 13.09 12.36 -22.25
C LEU A 537 12.26 11.38 -23.08
N GLY A 538 11.85 11.81 -24.27
CA GLY A 538 11.08 10.97 -25.16
C GLY A 538 11.55 11.04 -26.60
N PRO A 539 10.81 10.40 -27.51
CA PRO A 539 11.13 10.41 -28.94
C PRO A 539 11.05 11.81 -29.54
N LYS A 540 11.90 12.08 -30.54
CA LYS A 540 11.82 13.34 -31.27
C LYS A 540 10.58 13.32 -32.18
N THR A 541 9.44 13.68 -31.60
CA THR A 541 8.17 13.61 -32.30
C THR A 541 7.88 14.85 -33.13
N GLY A 542 8.89 15.68 -33.34
CA GLY A 542 8.74 16.87 -34.16
C GLY A 542 8.76 18.17 -33.37
N ASP A 543 9.10 19.26 -34.05
CA ASP A 543 9.17 20.57 -33.42
C ASP A 543 7.80 21.22 -33.33
N LEU A 544 7.78 22.49 -32.92
CA LEU A 544 6.54 23.23 -32.76
C LEU A 544 5.90 23.57 -34.09
N SER A 545 6.73 23.73 -35.11
CA SER A 545 6.26 24.10 -36.45
C SER A 545 5.46 22.97 -37.09
N SER A 546 5.85 21.74 -36.80
CA SER A 546 5.22 20.56 -37.40
C SER A 546 3.82 20.32 -36.84
N LEU A 547 3.61 20.69 -35.59
CA LEU A 547 2.32 20.45 -34.93
C LEU A 547 1.22 21.37 -35.44
N LYS A 548 0.38 20.84 -36.32
CA LYS A 548 -0.74 21.59 -36.87
C LYS A 548 -2.06 20.91 -36.53
N SER A 549 -3.07 21.72 -36.19
CA SER A 549 -4.36 21.27 -35.68
C SER A 549 -4.21 20.67 -34.28
N PHE A 550 -5.31 20.62 -33.54
CA PHE A 550 -5.26 20.11 -32.17
C PHE A 550 -5.01 18.61 -32.15
N GLU A 551 -5.23 17.95 -33.28
CA GLU A 551 -4.97 16.52 -33.38
C GLU A 551 -3.48 16.19 -33.35
N ASP A 552 -2.66 17.08 -33.91
CA ASP A 552 -1.21 16.87 -33.89
C ASP A 552 -0.70 16.82 -32.46
N VAL A 553 -1.18 17.73 -31.63
CA VAL A 553 -0.89 17.72 -30.21
C VAL A 553 -1.44 16.43 -29.61
N TRP A 554 -2.65 16.08 -30.03
CA TRP A 554 -3.34 14.89 -29.54
C TRP A 554 -2.66 13.61 -30.04
N GLU A 555 -1.93 13.72 -31.15
CA GLU A 555 -1.28 12.55 -31.75
C GLU A 555 0.19 12.45 -31.36
N ALA A 556 0.83 13.59 -31.13
CA ALA A 556 2.21 13.60 -30.68
C ALA A 556 2.30 13.09 -29.25
N PHE A 557 1.26 13.40 -28.46
CA PHE A 557 1.18 12.93 -27.09
C PHE A 557 1.09 11.41 -27.04
N ARG A 558 0.32 10.84 -27.97
CA ARG A 558 0.15 9.39 -28.05
C ARG A 558 1.49 8.70 -28.29
N LYS A 559 2.29 9.29 -29.18
CA LYS A 559 3.61 8.74 -29.49
C LYS A 559 4.51 8.75 -28.27
N GLN A 560 4.45 9.84 -27.50
CA GLN A 560 5.20 9.93 -26.25
C GLN A 560 4.67 8.95 -25.23
N TYR A 561 3.34 8.86 -25.14
CA TYR A 561 2.68 7.95 -24.20
C TYR A 561 3.02 6.50 -24.52
N GLN A 562 2.94 6.14 -25.80
CA GLN A 562 3.22 4.78 -26.24
C GLN A 562 4.65 4.35 -25.91
N TYR A 563 5.61 5.23 -26.17
CA TYR A 563 7.01 4.94 -25.86
C TYR A 563 7.20 4.75 -24.36
N ALA A 564 6.57 5.61 -23.58
CA ALA A 564 6.72 5.58 -22.14
C ALA A 564 6.06 4.34 -21.52
N ILE A 565 4.81 4.07 -21.90
CA ILE A 565 4.05 2.99 -21.30
C ILE A 565 4.61 1.63 -21.70
N ASN A 566 5.24 1.56 -22.87
CA ASN A 566 5.84 0.29 -23.32
C ASN A 566 7.02 -0.07 -22.43
N LEU A 567 7.82 0.93 -22.06
CA LEU A 567 8.93 0.74 -21.15
C LEU A 567 8.43 0.42 -19.74
N CYS A 568 7.35 1.07 -19.35
CA CYS A 568 6.77 0.87 -18.03
C CYS A 568 6.36 -0.57 -17.79
N ILE A 569 5.84 -1.23 -18.81
CA ILE A 569 5.35 -2.59 -18.66
C ILE A 569 6.45 -3.63 -18.93
N SER A 570 7.26 -3.40 -19.97
CA SER A 570 8.27 -4.37 -20.34
C SER A 570 9.30 -4.52 -19.22
N THR A 571 9.62 -3.42 -18.54
CA THR A 571 10.56 -3.49 -17.41
C THR A 571 9.98 -4.32 -16.27
N LYS A 572 8.66 -4.33 -16.16
CA LYS A 572 8.01 -5.10 -15.10
C LYS A 572 8.01 -6.59 -15.41
N ASP A 573 7.73 -6.93 -16.67
CA ASP A 573 7.69 -8.32 -17.10
C ASP A 573 9.08 -8.95 -17.13
N VAL A 574 10.10 -8.15 -17.44
CA VAL A 574 11.47 -8.64 -17.38
C VAL A 574 11.85 -8.89 -15.92
N SER A 575 11.39 -8.04 -15.03
CA SER A 575 11.61 -8.27 -13.60
C SER A 575 10.97 -9.59 -13.19
N ARG A 576 9.74 -9.80 -13.63
CA ARG A 576 9.00 -11.03 -13.35
C ARG A 576 9.78 -12.27 -13.80
N TYR A 577 10.36 -12.16 -14.98
CA TYR A 577 11.15 -13.24 -15.58
C TYR A 577 12.26 -13.67 -14.60
N PHE A 578 12.95 -12.70 -14.02
CA PHE A 578 14.07 -13.01 -13.16
C PHE A 578 13.67 -13.23 -11.70
N GLU A 579 12.56 -12.64 -11.29
CA GLU A 579 12.04 -12.86 -9.95
C GLU A 579 11.77 -14.34 -9.71
N GLN A 580 11.14 -14.99 -10.68
CA GLN A 580 10.77 -16.39 -10.52
C GLN A 580 11.97 -17.32 -10.68
N ARG A 581 13.06 -16.79 -11.24
CA ARG A 581 14.24 -17.60 -11.51
C ARG A 581 15.33 -17.45 -10.45
N PHE A 582 15.38 -16.29 -9.80
CA PHE A 582 16.45 -16.03 -8.82
C PHE A 582 15.93 -15.44 -7.50
N LEU A 583 14.71 -14.94 -7.50
CA LEU A 583 14.12 -14.41 -6.28
C LEU A 583 12.90 -15.21 -5.87
N GLN A 584 12.98 -16.54 -5.99
CA GLN A 584 11.87 -17.41 -5.60
C GLN A 584 11.40 -17.11 -4.19
N MET A 585 10.11 -17.29 -3.96
CA MET A 585 9.54 -17.08 -2.62
C MET A 585 8.84 -18.35 -2.17
N PRO A 586 9.63 -19.34 -1.71
CA PRO A 586 9.07 -20.65 -1.35
C PRO A 586 8.08 -20.62 -0.19
N PHE A 587 8.18 -19.65 0.72
CA PHE A 587 7.17 -19.58 1.77
C PHE A 587 5.84 -19.17 1.18
N VAL A 588 5.84 -18.09 0.40
CA VAL A 588 4.62 -17.61 -0.25
C VAL A 588 4.04 -18.72 -1.12
N SER A 589 4.92 -19.42 -1.82
CA SER A 589 4.52 -20.54 -2.68
C SER A 589 3.85 -21.64 -1.85
N ALA A 590 4.39 -21.91 -0.67
CA ALA A 590 3.88 -22.98 0.17
C ALA A 590 2.44 -22.73 0.63
N ILE A 591 2.07 -21.45 0.79
CA ILE A 591 0.75 -21.13 1.32
C ILE A 591 -0.23 -20.74 0.21
N ASP A 592 0.20 -20.82 -1.04
CA ASP A 592 -0.72 -20.66 -2.17
C ASP A 592 -1.13 -22.04 -2.67
N ASP A 593 -2.45 -22.29 -2.71
CA ASP A 593 -2.97 -23.59 -3.11
C ASP A 593 -2.59 -23.98 -4.54
N GLY A 594 -2.47 -22.99 -5.41
CA GLY A 594 -2.07 -23.23 -6.79
C GLY A 594 -0.62 -23.61 -6.90
N CYS A 595 0.23 -22.86 -6.22
CA CYS A 595 1.66 -23.14 -6.22
C CYS A 595 1.94 -24.52 -5.65
N MET A 596 1.28 -24.84 -4.55
CA MET A 596 1.44 -26.13 -3.88
C MET A 596 0.96 -27.27 -4.78
N GLU A 597 -0.18 -27.06 -5.44
CA GLU A 597 -0.76 -28.08 -6.30
C GLU A 597 0.13 -28.39 -7.50
N LEU A 598 0.68 -27.33 -8.11
CA LEU A 598 1.37 -27.47 -9.38
C LEU A 598 2.89 -27.52 -9.24
N GLY A 599 3.39 -27.27 -8.02
CA GLY A 599 4.83 -27.26 -7.78
C GLY A 599 5.52 -26.13 -8.49
N MET A 600 4.94 -24.93 -8.40
CA MET A 600 5.49 -23.76 -9.07
C MET A 600 5.76 -22.64 -8.09
N ASP A 601 6.71 -21.78 -8.44
CA ASP A 601 7.02 -20.62 -7.61
C ASP A 601 5.92 -19.57 -7.68
N ALA A 602 5.77 -18.79 -6.61
CA ALA A 602 4.75 -17.75 -6.51
C ALA A 602 4.80 -16.74 -7.65
N CYS A 603 5.99 -16.44 -8.14
CA CYS A 603 6.14 -15.47 -9.23
C CYS A 603 6.02 -16.11 -10.61
N ALA A 604 6.10 -17.43 -10.66
CA ALA A 604 5.96 -18.15 -11.93
C ALA A 604 4.49 -18.39 -12.26
N LEU A 605 3.78 -19.03 -11.35
CA LEU A 605 2.34 -19.27 -11.52
C LEU A 605 1.55 -17.99 -11.38
N SER A 606 0.71 -17.69 -12.36
CA SER A 606 -0.13 -16.50 -12.32
C SER A 606 -1.52 -16.80 -12.87
N GLU A 607 -2.39 -17.31 -12.00
CA GLU A 607 -3.70 -17.80 -12.42
C GLU A 607 -4.72 -16.67 -12.62
N GLN A 608 -4.56 -15.59 -11.86
CA GLN A 608 -5.42 -14.43 -12.01
C GLN A 608 -4.59 -13.21 -12.43
N PRO A 609 -4.68 -12.85 -13.72
CA PRO A 609 -4.02 -11.62 -14.17
C PRO A 609 -4.59 -10.38 -13.48
N ASN A 610 -3.77 -9.34 -13.35
CA ASN A 610 -4.18 -8.13 -12.66
C ASN A 610 -3.30 -6.97 -13.08
N GLY A 611 -2.97 -6.91 -14.36
CA GLY A 611 -2.06 -5.90 -14.86
C GLY A 611 -2.61 -4.49 -14.83
N TRP A 612 -1.81 -3.57 -14.28
CA TRP A 612 -2.19 -2.16 -14.26
C TRP A 612 -0.97 -1.26 -14.13
N HIS A 613 -1.14 0.00 -14.47
CA HIS A 613 -0.13 1.03 -14.27
C HIS A 613 -0.86 2.31 -13.87
N ASN A 614 -0.18 3.17 -13.11
CA ASN A 614 -0.82 4.36 -12.55
C ASN A 614 -0.54 5.62 -13.35
N PRO A 615 -1.55 6.12 -14.08
CA PRO A 615 -1.40 7.44 -14.69
C PRO A 615 -1.59 8.53 -13.66
N ILE A 616 -0.53 9.25 -13.31
CA ILE A 616 -0.60 10.28 -12.28
C ILE A 616 -0.47 11.64 -12.94
N THR A 617 -1.14 12.65 -12.36
CA THR A 617 -1.20 14.00 -12.91
C THR A 617 -1.89 14.00 -14.28
N THR A 618 -2.85 13.11 -14.46
CA THR A 618 -3.63 13.05 -15.69
C THR A 618 -4.54 14.26 -15.82
N ILE A 619 -5.05 14.74 -14.68
CA ILE A 619 -5.94 15.89 -14.65
C ILE A 619 -5.24 17.13 -15.20
N VAL A 620 -4.00 17.34 -14.78
CA VAL A 620 -3.21 18.49 -15.21
C VAL A 620 -3.03 18.47 -16.74
N ALA A 621 -2.74 17.30 -17.29
CA ALA A 621 -2.58 17.15 -18.73
C ALA A 621 -3.93 17.30 -19.43
N ALA A 622 -4.99 16.87 -18.75
CA ALA A 622 -6.34 16.94 -19.32
C ALA A 622 -6.80 18.39 -19.45
N ASN A 623 -6.77 19.12 -18.34
CA ASN A 623 -7.18 20.53 -18.33
C ASN A 623 -6.31 21.37 -19.26
N SER A 624 -5.07 20.94 -19.45
CA SER A 624 -4.15 21.63 -20.33
C SER A 624 -4.59 21.52 -21.80
N LEU A 625 -5.02 20.32 -22.19
CA LEU A 625 -5.46 20.07 -23.55
C LEU A 625 -6.74 20.84 -23.86
N VAL A 626 -7.60 21.00 -22.86
CA VAL A 626 -8.84 21.74 -23.03
C VAL A 626 -8.53 23.21 -23.30
N ALA A 627 -7.52 23.74 -22.63
CA ALA A 627 -7.13 25.13 -22.79
C ALA A 627 -6.36 25.36 -24.10
N ILE A 628 -5.70 24.32 -24.59
CA ILE A 628 -4.98 24.40 -25.85
C ILE A 628 -5.97 24.41 -27.01
N LYS A 629 -6.90 23.46 -26.99
CA LYS A 629 -7.89 23.33 -28.06
C LYS A 629 -8.76 24.57 -28.19
N LYS A 630 -9.08 25.18 -27.07
CA LYS A 630 -10.03 26.29 -27.04
C LYS A 630 -9.40 27.64 -27.40
N LEU A 631 -8.20 27.88 -26.88
CA LEU A 631 -7.58 29.20 -27.00
C LEU A 631 -6.53 29.30 -28.09
N VAL A 632 -6.30 28.21 -28.82
CA VAL A 632 -5.29 28.22 -29.88
C VAL A 632 -5.88 27.82 -31.22
N PHE A 633 -6.72 26.79 -31.22
CA PHE A 633 -7.24 26.23 -32.46
C PHE A 633 -8.72 26.49 -32.67
N GLU A 634 -9.34 27.25 -31.77
CA GLU A 634 -10.77 27.56 -31.89
C GLU A 634 -11.04 29.05 -31.67
N GLU A 635 -10.04 29.77 -31.18
CA GLU A 635 -10.16 31.22 -31.02
C GLU A 635 -8.95 31.92 -31.63
N LYS A 636 -7.85 31.19 -31.75
CA LYS A 636 -6.61 31.70 -32.33
C LYS A 636 -6.11 32.97 -31.63
N LYS A 637 -6.45 33.12 -30.35
CA LYS A 637 -6.00 34.28 -29.58
C LYS A 637 -4.50 34.23 -29.35
N TYR A 638 -3.95 33.02 -29.33
CA TYR A 638 -2.52 32.82 -29.13
C TYR A 638 -1.99 31.73 -30.06
N THR A 639 -0.72 31.82 -30.43
CA THR A 639 -0.09 30.81 -31.26
C THR A 639 0.75 29.88 -30.40
N LEU A 640 1.22 28.78 -31.00
CA LEU A 640 2.01 27.78 -30.28
C LEU A 640 3.33 28.37 -29.79
N GLU A 641 3.96 29.19 -30.63
CA GLU A 641 5.23 29.82 -30.26
C GLU A 641 5.04 30.78 -29.09
N GLN A 642 3.94 31.52 -29.09
CA GLN A 642 3.63 32.43 -28.00
C GLN A 642 3.40 31.64 -26.71
N LEU A 643 2.70 30.52 -26.84
CA LEU A 643 2.44 29.65 -25.69
C LEU A 643 3.74 29.02 -25.20
N SER A 644 4.53 28.49 -26.12
CA SER A 644 5.77 27.81 -25.80
C SER A 644 6.78 28.77 -25.15
N GLN A 645 6.86 29.99 -25.69
CA GLN A 645 7.74 31.01 -25.12
C GLN A 645 7.29 31.38 -23.72
N ALA A 646 5.98 31.49 -23.54
CA ALA A 646 5.39 31.82 -22.25
C ALA A 646 5.67 30.72 -21.23
N LEU A 647 5.54 29.47 -21.67
CA LEU A 647 5.79 28.32 -20.81
C LEU A 647 7.25 28.28 -20.36
N LYS A 648 8.16 28.54 -21.30
CA LYS A 648 9.58 28.50 -20.99
C LYS A 648 10.01 29.71 -20.17
N ALA A 649 9.17 30.74 -20.17
CA ALA A 649 9.41 31.93 -19.37
C ALA A 649 8.66 31.84 -18.04
N ASN A 650 7.97 30.72 -17.85
CA ASN A 650 7.16 30.47 -16.65
C ASN A 650 6.12 31.58 -16.45
N TRP A 651 5.68 32.16 -17.56
CA TRP A 651 4.73 33.27 -17.53
C TRP A 651 5.20 34.43 -16.65
N GLU A 652 6.44 34.88 -16.85
CA GLU A 652 6.90 36.08 -16.18
C GLU A 652 6.11 37.26 -16.71
N GLY A 653 6.03 37.34 -18.03
CA GLY A 653 5.06 38.19 -18.69
C GLY A 653 3.83 37.33 -18.94
N PHE A 654 3.01 37.71 -19.91
CA PHE A 654 1.83 36.93 -20.29
C PHE A 654 0.94 36.59 -19.11
N GLU A 655 0.87 37.49 -18.12
CA GLU A 655 0.08 37.23 -16.92
C GLU A 655 -1.40 37.18 -17.26
N GLU A 656 -1.84 38.05 -18.17
CA GLU A 656 -3.21 38.03 -18.65
C GLU A 656 -3.43 36.77 -19.48
N MET A 657 -2.37 36.29 -20.11
CA MET A 657 -2.43 35.08 -20.93
C MET A 657 -2.60 33.84 -20.06
N ARG A 658 -1.89 33.80 -18.93
CA ARG A 658 -2.01 32.67 -18.01
C ARG A 658 -3.41 32.61 -17.41
N VAL A 659 -3.91 33.77 -16.99
CA VAL A 659 -5.26 33.88 -16.45
C VAL A 659 -6.27 33.44 -17.50
N ASP A 660 -5.96 33.75 -18.76
CA ASP A 660 -6.82 33.35 -19.88
C ASP A 660 -6.84 31.83 -20.02
N PHE A 661 -5.69 31.19 -19.80
CA PHE A 661 -5.61 29.74 -19.83
C PHE A 661 -6.16 29.13 -18.55
N LYS A 662 -5.99 29.84 -17.44
CA LYS A 662 -6.48 29.38 -16.15
C LYS A 662 -8.01 29.42 -16.12
N ARG A 663 -8.59 30.41 -16.78
CA ARG A 663 -10.04 30.58 -16.80
C ARG A 663 -10.73 29.61 -17.74
N ALA A 664 -9.94 28.93 -18.57
CA ALA A 664 -10.46 27.92 -19.48
C ALA A 664 -11.18 26.82 -18.68
N PRO A 665 -12.27 26.27 -19.24
CA PRO A 665 -13.11 25.28 -18.56
C PRO A 665 -12.32 24.11 -17.96
N LYS A 666 -12.56 23.83 -16.70
CA LYS A 666 -11.78 22.83 -15.97
C LYS A 666 -12.58 21.58 -15.63
N TRP A 667 -11.91 20.65 -14.94
CA TRP A 667 -12.52 19.37 -14.55
C TRP A 667 -13.15 19.47 -13.17
N GLY A 668 -14.36 18.93 -13.02
CA GLY A 668 -15.06 18.93 -11.76
C GLY A 668 -16.01 20.10 -11.57
N ASN A 669 -16.61 20.56 -12.66
CA ASN A 669 -17.57 21.64 -12.61
C ASN A 669 -18.80 21.33 -13.46
N ASP A 670 -18.93 20.07 -13.85
CA ASP A 670 -20.02 19.60 -14.70
C ASP A 670 -20.09 20.41 -15.99
N ASP A 671 -18.94 20.88 -16.45
CA ASP A 671 -18.84 21.66 -17.68
C ASP A 671 -18.79 20.72 -18.89
N ASP A 672 -19.81 20.81 -19.73
CA ASP A 672 -19.95 19.92 -20.88
C ASP A 672 -18.75 19.98 -21.83
N TYR A 673 -18.24 21.18 -22.06
CA TYR A 673 -17.13 21.37 -22.98
C TYR A 673 -15.83 20.78 -22.42
N ALA A 674 -15.57 21.05 -21.15
CA ALA A 674 -14.36 20.56 -20.51
C ALA A 674 -14.40 19.05 -20.31
N ASP A 675 -15.55 18.55 -19.87
CA ASP A 675 -15.71 17.13 -19.59
C ASP A 675 -15.70 16.29 -20.86
N GLY A 676 -16.13 16.88 -21.97
CA GLY A 676 -16.16 16.19 -23.24
C GLY A 676 -14.79 15.72 -23.71
N ILE A 677 -13.80 16.60 -23.57
CA ILE A 677 -12.44 16.31 -24.00
C ILE A 677 -11.77 15.33 -23.04
N ILE A 678 -11.92 15.60 -21.74
CA ILE A 678 -11.25 14.82 -20.69
C ILE A 678 -11.78 13.39 -20.62
N THR A 679 -13.07 13.22 -20.92
CA THR A 679 -13.67 11.88 -20.91
C THR A 679 -13.05 11.00 -22.00
N ARG A 680 -12.91 11.56 -23.20
CA ARG A 680 -12.30 10.85 -24.31
C ARG A 680 -10.81 10.60 -24.05
N PHE A 681 -10.15 11.58 -23.45
CA PHE A 681 -8.74 11.46 -23.14
C PHE A 681 -8.49 10.32 -22.15
N TYR A 682 -9.38 10.18 -21.18
CA TYR A 682 -9.28 9.12 -20.17
C TYR A 682 -9.51 7.74 -20.79
N GLU A 683 -10.33 7.70 -21.83
CA GLU A 683 -10.78 6.41 -22.37
C GLU A 683 -10.09 6.01 -23.68
N GLU A 684 -9.64 7.00 -24.46
CA GLU A 684 -9.01 6.71 -25.75
C GLU A 684 -7.48 6.67 -25.68
N ILE A 685 -6.90 7.63 -24.97
CA ILE A 685 -5.43 7.71 -24.91
C ILE A 685 -4.90 7.00 -23.67
N ILE A 686 -5.32 7.48 -22.50
CA ILE A 686 -4.83 6.97 -21.23
C ILE A 686 -5.10 5.48 -21.08
N GLY A 687 -6.32 5.06 -21.38
CA GLY A 687 -6.68 3.66 -21.26
C GLY A 687 -6.53 2.88 -22.55
N GLY A 688 -6.93 3.50 -23.66
CA GLY A 688 -6.94 2.85 -24.96
C GLY A 688 -5.61 2.32 -25.46
N GLU A 689 -4.60 3.20 -25.53
CA GLU A 689 -3.28 2.80 -26.00
C GLU A 689 -2.60 1.86 -25.02
N MET A 690 -2.94 2.02 -23.74
CA MET A 690 -2.35 1.23 -22.67
C MET A 690 -2.91 -0.19 -22.65
N ARG A 691 -4.19 -0.33 -22.98
CA ARG A 691 -4.87 -1.62 -23.04
C ARG A 691 -4.28 -2.54 -24.13
N LYS A 692 -3.62 -1.94 -25.11
CA LYS A 692 -3.02 -2.70 -26.21
C LYS A 692 -1.86 -3.57 -25.73
N ILE A 693 -1.31 -3.24 -24.58
CA ILE A 693 -0.21 -4.02 -24.02
C ILE A 693 -0.76 -5.22 -23.25
N THR A 694 -0.14 -6.37 -23.47
CA THR A 694 -0.42 -7.58 -22.71
C THR A 694 0.76 -7.88 -21.79
N ASN A 695 0.51 -8.12 -20.50
CA ASN A 695 1.61 -8.35 -19.58
C ASN A 695 1.93 -9.84 -19.46
N TYR A 696 2.79 -10.17 -18.50
CA TYR A 696 3.26 -11.53 -18.29
C TYR A 696 2.13 -12.55 -18.15
N SER A 697 1.03 -12.13 -17.54
CA SER A 697 -0.05 -13.03 -17.18
C SER A 697 -1.09 -13.20 -18.28
N GLY A 698 -0.86 -12.56 -19.42
CA GLY A 698 -1.73 -12.74 -20.57
C GLY A 698 -2.97 -11.84 -20.58
N GLY A 699 -3.05 -10.94 -19.61
CA GLY A 699 -4.15 -10.00 -19.55
C GLY A 699 -3.75 -8.63 -20.07
N PRO A 700 -4.74 -7.77 -20.32
CA PRO A 700 -4.44 -6.40 -20.75
C PRO A 700 -3.94 -5.56 -19.57
N VAL A 701 -3.39 -4.39 -19.86
CA VAL A 701 -2.93 -3.49 -18.81
C VAL A 701 -3.84 -2.26 -18.80
N MET A 702 -4.50 -2.02 -17.68
CA MET A 702 -5.48 -0.94 -17.59
C MET A 702 -5.10 0.06 -16.49
N PRO A 703 -5.45 1.35 -16.68
CA PRO A 703 -5.02 2.46 -15.83
C PRO A 703 -5.64 2.54 -14.44
N THR A 704 -4.82 2.86 -13.45
CA THR A 704 -5.28 3.14 -12.10
C THR A 704 -4.82 4.54 -11.67
N GLY A 705 -5.70 5.52 -11.82
CA GLY A 705 -5.37 6.90 -11.49
C GLY A 705 -5.31 7.18 -10.00
N GLN A 706 -4.20 7.76 -9.56
CA GLN A 706 -4.02 8.09 -8.15
C GLN A 706 -2.85 9.05 -7.93
N ALA A 707 -2.45 9.23 -6.68
CA ALA A 707 -1.33 10.10 -6.36
C ALA A 707 -0.56 9.59 -5.14
N GLY A 715 4.14 15.81 -9.39
CA GLY A 715 3.42 17.06 -9.53
C GLY A 715 4.31 18.29 -9.39
N SER A 716 5.33 18.19 -8.55
CA SER A 716 6.25 19.29 -8.33
C SER A 716 7.35 19.32 -9.38
N ARG A 717 7.50 18.21 -10.10
CA ARG A 717 8.51 18.12 -11.17
C ARG A 717 7.90 18.45 -12.52
N THR A 718 6.62 18.83 -12.51
CA THR A 718 5.92 19.20 -13.73
C THR A 718 6.06 20.69 -14.01
N GLY A 719 6.62 21.03 -15.17
CA GLY A 719 6.82 22.40 -15.55
C GLY A 719 5.54 23.14 -15.88
N PRO A 720 5.66 24.41 -16.29
CA PRO A 720 4.51 25.23 -16.67
C PRO A 720 3.67 24.59 -17.77
N THR A 721 2.39 24.38 -17.50
CA THR A 721 1.50 23.75 -18.46
C THR A 721 0.37 24.69 -18.85
N PRO A 722 -0.10 24.59 -20.10
CA PRO A 722 -1.18 25.44 -20.64
C PRO A 722 -2.49 25.44 -19.86
N ASP A 723 -2.56 24.71 -18.74
CA ASP A 723 -3.76 24.72 -17.91
C ASP A 723 -3.70 25.87 -16.90
N GLY A 724 -2.71 26.74 -17.05
CA GLY A 724 -2.56 27.89 -16.17
C GLY A 724 -1.71 27.62 -14.94
N ARG A 725 -0.80 26.65 -15.06
CA ARG A 725 0.05 26.26 -13.94
C ARG A 725 1.45 26.88 -14.03
N PHE A 726 1.88 27.48 -12.93
CA PHE A 726 3.27 27.94 -12.82
C PHE A 726 4.20 26.74 -12.72
N GLY A 727 5.50 26.98 -12.91
CA GLY A 727 6.48 25.92 -12.88
C GLY A 727 6.64 25.27 -11.52
N GLY A 728 6.51 23.94 -11.49
CA GLY A 728 6.70 23.18 -10.26
C GLY A 728 5.58 23.33 -9.25
N GLU A 729 4.46 23.89 -9.69
CA GLU A 729 3.32 24.09 -8.81
C GLU A 729 2.68 22.76 -8.43
N ALA A 730 2.92 22.32 -7.20
CA ALA A 730 2.38 21.06 -6.71
C ALA A 730 1.04 21.27 -6.02
N ALA A 731 -0.04 21.29 -6.81
CA ALA A 731 -1.37 21.48 -6.25
C ALA A 731 -2.39 20.55 -6.92
N ASP A 732 -1.90 19.47 -7.51
CA ASP A 732 -2.79 18.47 -8.10
C ASP A 732 -3.33 17.57 -7.01
N ASP A 733 -4.65 17.60 -6.81
CA ASP A 733 -5.29 16.86 -5.73
C ASP A 733 -5.03 15.35 -5.84
N GLY A 734 -4.98 14.86 -7.07
CA GLY A 734 -4.65 13.46 -7.30
C GLY A 734 -5.73 12.66 -7.99
N GLY A 735 -5.32 11.72 -8.83
CA GLY A 735 -6.24 10.83 -9.52
C GLY A 735 -7.16 11.53 -10.49
N ILE A 736 -8.47 11.40 -10.26
CA ILE A 736 -9.48 11.96 -11.14
C ILE A 736 -10.12 13.18 -10.46
N SER A 737 -9.68 13.46 -9.24
CA SER A 737 -10.20 14.59 -8.48
C SER A 737 -9.78 15.91 -9.13
N PRO A 738 -10.62 16.95 -9.00
CA PRO A 738 -10.33 18.27 -9.56
C PRO A 738 -9.05 18.90 -9.00
N TYR A 739 -8.36 19.67 -9.83
CA TYR A 739 -7.17 20.40 -9.39
C TYR A 739 -7.54 21.37 -8.29
N MET A 740 -6.62 21.61 -7.35
CA MET A 740 -6.90 22.47 -6.20
C MET A 740 -7.27 23.88 -6.64
N GLY A 741 -8.51 24.28 -6.34
CA GLY A 741 -8.99 25.61 -6.68
C GLY A 741 -9.65 25.69 -8.05
N THR A 742 -9.73 24.55 -8.73
CA THR A 742 -10.32 24.51 -10.07
C THR A 742 -11.83 24.29 -10.00
N ASP A 743 -12.27 23.57 -8.96
CA ASP A 743 -13.69 23.31 -8.75
C ASP A 743 -14.35 24.53 -8.09
N LYS A 744 -15.45 24.99 -8.69
CA LYS A 744 -16.12 26.19 -8.20
C LYS A 744 -17.63 26.08 -8.24
N LYS A 745 -18.14 24.87 -8.40
CA LYS A 745 -19.58 24.66 -8.46
C LYS A 745 -20.07 23.63 -7.45
N GLY A 746 -19.31 23.43 -6.39
CA GLY A 746 -19.71 22.56 -5.30
C GLY A 746 -19.35 21.10 -5.49
N PRO A 747 -19.67 20.27 -4.47
CA PRO A 747 -19.34 18.84 -4.43
C PRO A 747 -20.11 17.98 -5.43
N THR A 748 -21.40 18.25 -5.60
CA THR A 748 -22.23 17.44 -6.49
C THR A 748 -21.84 17.64 -7.96
N ALA A 749 -21.38 18.84 -8.29
CA ALA A 749 -20.90 19.13 -9.64
C ALA A 749 -19.60 18.36 -9.89
N VAL A 750 -18.78 18.25 -8.86
CA VAL A 750 -17.57 17.44 -8.92
C VAL A 750 -17.95 15.98 -9.11
N LEU A 751 -19.00 15.56 -8.40
CA LEU A 751 -19.45 14.18 -8.42
C LEU A 751 -20.04 13.79 -9.77
N ARG A 752 -20.60 14.77 -10.48
CA ARG A 752 -21.20 14.52 -11.78
C ARG A 752 -20.15 14.43 -12.89
N SER A 753 -19.06 15.18 -12.73
CA SER A 753 -17.98 15.17 -13.71
C SER A 753 -17.27 13.82 -13.74
N VAL A 754 -16.87 13.34 -12.57
CA VAL A 754 -16.11 12.11 -12.43
C VAL A 754 -16.86 10.91 -13.01
N SER A 755 -18.18 10.91 -12.87
CA SER A 755 -19.01 9.80 -13.32
C SER A 755 -18.99 9.62 -14.84
N LYS A 756 -18.52 10.63 -15.55
CA LYS A 756 -18.50 10.58 -17.00
C LYS A 756 -17.41 9.65 -17.53
N VAL A 757 -16.43 9.35 -16.69
CA VAL A 757 -15.38 8.41 -17.03
C VAL A 757 -15.82 7.00 -16.65
N GLN A 758 -16.06 6.15 -17.65
CA GLN A 758 -16.58 4.81 -17.41
C GLN A 758 -15.83 3.71 -18.17
N LYS A 759 -15.09 4.09 -19.20
CA LYS A 759 -14.49 3.10 -20.11
C LYS A 759 -12.98 2.94 -19.92
N ASN A 760 -12.51 1.69 -20.05
CA ASN A 760 -11.09 1.36 -20.07
C ASN A 760 -10.32 1.83 -18.85
N GLN A 761 -10.96 1.82 -17.69
CA GLN A 761 -10.30 2.19 -16.44
C GLN A 761 -10.27 1.02 -15.48
N LYS A 762 -9.22 0.93 -14.67
CA LYS A 762 -9.16 -0.08 -13.63
C LYS A 762 -9.49 0.55 -12.28
N GLY A 763 -9.25 1.86 -12.17
CA GLY A 763 -9.54 2.59 -10.97
C GLY A 763 -9.09 4.04 -11.04
N ASN A 764 -9.71 4.90 -10.24
CA ASN A 764 -9.35 6.31 -10.21
C ASN A 764 -9.58 6.91 -8.83
N LEU A 765 -8.52 7.45 -8.24
CA LEU A 765 -8.59 8.05 -6.90
C LEU A 765 -9.35 9.37 -6.93
N LEU A 766 -10.14 9.61 -5.89
CA LEU A 766 -10.88 10.86 -5.76
C LEU A 766 -10.75 11.44 -4.35
N ASN A 767 -10.07 12.56 -4.24
CA ASN A 767 -9.99 13.27 -2.97
C ASN A 767 -11.09 14.31 -2.88
N GLN A 768 -11.79 14.35 -1.74
CA GLN A 768 -12.84 15.34 -1.50
C GLN A 768 -12.84 15.77 -0.05
N ARG A 769 -12.88 17.07 0.18
CA ARG A 769 -12.87 17.62 1.53
C ARG A 769 -14.25 18.11 1.92
N LEU A 770 -14.77 17.60 3.04
CA LEU A 770 -16.12 17.94 3.48
C LEU A 770 -16.12 18.87 4.69
N SER A 771 -17.20 19.62 4.86
CA SER A 771 -17.31 20.61 5.93
C SER A 771 -17.39 19.98 7.31
N VAL A 772 -16.61 20.50 8.24
CA VAL A 772 -16.55 19.98 9.60
C VAL A 772 -17.88 20.05 10.37
N PRO A 773 -18.55 21.22 10.40
CA PRO A 773 -19.76 21.29 11.22
C PRO A 773 -20.86 20.33 10.79
N ILE A 774 -21.02 20.14 9.48
CA ILE A 774 -22.01 19.22 8.96
C ILE A 774 -21.70 17.79 9.39
N MET A 775 -20.48 17.34 9.11
CA MET A 775 -20.07 15.95 9.37
C MET A 775 -20.12 15.60 10.86
N ARG A 776 -19.85 16.57 11.71
CA ARG A 776 -19.82 16.32 13.15
C ARG A 776 -21.14 16.69 13.83
N SER A 777 -22.16 17.01 13.03
CA SER A 777 -23.50 17.25 13.56
C SER A 777 -24.30 15.96 13.59
N LYS A 778 -25.48 16.01 14.18
CA LYS A 778 -26.37 14.85 14.25
C LYS A 778 -26.88 14.50 12.85
N HIS A 779 -26.82 15.47 11.95
CA HIS A 779 -27.24 15.24 10.57
C HIS A 779 -26.10 14.67 9.73
N GLY A 780 -24.92 14.60 10.35
CA GLY A 780 -23.72 14.16 9.66
C GLY A 780 -23.84 12.83 8.94
N PHE A 781 -24.35 11.82 9.64
CA PHE A 781 -24.42 10.47 9.09
C PHE A 781 -25.41 10.38 7.93
N GLU A 782 -26.53 11.08 8.06
CA GLU A 782 -27.57 11.03 7.03
C GLU A 782 -27.07 11.59 5.71
N ILE A 783 -26.40 12.74 5.78
CA ILE A 783 -25.90 13.41 4.59
C ILE A 783 -24.76 12.62 3.97
N TRP A 784 -23.88 12.10 4.81
CA TRP A 784 -22.75 11.30 4.33
C TRP A 784 -23.23 10.03 3.66
N ASN A 785 -24.14 9.32 4.32
CA ASN A 785 -24.68 8.07 3.78
C ASN A 785 -25.37 8.31 2.45
N SER A 786 -26.07 9.44 2.34
CA SER A 786 -26.75 9.80 1.10
C SER A 786 -25.74 10.19 0.02
N TYR A 787 -24.65 10.83 0.44
CA TYR A 787 -23.57 11.16 -0.49
C TYR A 787 -22.96 9.89 -1.06
N ILE A 788 -22.68 8.93 -0.17
CA ILE A 788 -22.10 7.66 -0.57
C ILE A 788 -23.06 6.90 -1.48
N LYS A 789 -24.35 6.95 -1.13
CA LYS A 789 -25.40 6.36 -1.96
C LYS A 789 -25.34 6.90 -3.38
N THR A 790 -25.27 8.22 -3.49
CA THR A 790 -25.26 8.88 -4.79
C THR A 790 -23.97 8.57 -5.54
N TRP A 791 -22.85 8.68 -4.84
CA TRP A 791 -21.54 8.36 -5.39
C TRP A 791 -21.52 6.95 -5.99
N HIS A 792 -22.15 6.01 -5.29
CA HIS A 792 -22.19 4.63 -5.73
C HIS A 792 -23.04 4.48 -6.99
N ASP A 793 -24.21 5.12 -6.99
CA ASP A 793 -25.13 4.99 -8.12
C ASP A 793 -24.63 5.76 -9.35
N LEU A 794 -23.73 6.71 -9.13
CA LEU A 794 -23.07 7.40 -10.22
C LEU A 794 -21.93 6.53 -10.78
N ASN A 795 -21.80 5.33 -10.20
CA ASN A 795 -20.81 4.34 -10.63
C ASN A 795 -19.40 4.90 -10.62
N ILE A 796 -19.08 5.65 -9.58
CA ILE A 796 -17.73 6.18 -9.40
C ILE A 796 -16.90 5.15 -8.63
N ASP A 797 -15.65 4.99 -9.03
CA ASP A 797 -14.80 3.93 -8.49
C ASP A 797 -14.41 4.15 -7.02
N HIS A 798 -14.01 5.37 -6.67
CA HIS A 798 -13.41 5.60 -5.37
C HIS A 798 -13.68 7.00 -4.83
N VAL A 799 -13.63 7.14 -3.51
CA VAL A 799 -13.71 8.44 -2.85
C VAL A 799 -13.17 8.33 -1.42
N GLN A 800 -12.39 9.32 -1.01
CA GLN A 800 -11.91 9.40 0.36
C GLN A 800 -12.06 10.82 0.86
N PHE A 801 -12.21 10.99 2.17
CA PHE A 801 -12.61 12.27 2.73
C PHE A 801 -11.61 12.90 3.69
N ASN A 802 -11.62 14.23 3.73
CA ASN A 802 -10.83 15.00 4.68
C ASN A 802 -11.77 15.86 5.52
N VAL A 803 -11.85 15.58 6.82
CA VAL A 803 -12.71 16.35 7.71
C VAL A 803 -11.87 17.04 8.78
N VAL A 804 -11.39 18.23 8.46
CA VAL A 804 -10.51 18.98 9.36
C VAL A 804 -10.55 20.46 9.00
N SER A 805 -10.66 21.31 10.02
CA SER A 805 -10.78 22.75 9.80
C SER A 805 -9.41 23.39 9.60
N THR A 806 -9.38 24.46 8.82
CA THR A 806 -8.16 25.20 8.56
C THR A 806 -7.55 25.77 9.84
N ASP A 807 -8.42 26.26 10.72
CA ASP A 807 -7.98 26.87 11.98
C ASP A 807 -7.12 25.94 12.82
N GLU A 808 -7.52 24.68 12.93
CA GLU A 808 -6.79 23.71 13.73
C GLU A 808 -5.44 23.38 13.08
N MET A 809 -5.41 23.35 11.75
CA MET A 809 -4.17 23.10 11.04
C MET A 809 -3.22 24.28 11.18
N ARG A 810 -3.78 25.50 11.15
CA ARG A 810 -2.99 26.70 11.36
C ARG A 810 -2.40 26.71 12.77
N ALA A 811 -3.22 26.33 13.75
CA ALA A 811 -2.78 26.24 15.14
C ALA A 811 -1.72 25.17 15.30
N ALA A 812 -1.84 24.11 14.51
CA ALA A 812 -0.88 23.01 14.54
C ALA A 812 0.46 23.44 13.95
N GLN A 813 0.42 24.44 13.07
CA GLN A 813 1.65 24.99 12.49
C GLN A 813 2.37 25.85 13.53
N ARG A 814 1.60 26.61 14.30
CA ARG A 814 2.17 27.52 15.29
C ARG A 814 2.69 26.77 16.51
N GLU A 815 1.85 25.91 17.07
CA GLU A 815 2.23 25.13 18.24
C GLU A 815 2.11 23.63 17.98
N PRO A 816 3.11 23.05 17.29
CA PRO A 816 3.08 21.64 16.93
C PRO A 816 3.06 20.70 18.13
N GLU A 817 3.68 21.11 19.23
CA GLU A 817 3.78 20.27 20.42
C GLU A 817 2.46 20.17 21.17
N LYS A 818 1.43 20.86 20.67
CA LYS A 818 0.10 20.81 21.28
C LYS A 818 -0.90 20.13 20.36
N HIS A 819 -0.44 19.71 19.19
CA HIS A 819 -1.33 19.10 18.20
C HIS A 819 -0.75 17.81 17.61
N HIS A 820 -0.27 16.93 18.48
CA HIS A 820 0.36 15.69 18.04
C HIS A 820 -0.64 14.70 17.45
N ASP A 821 -1.85 14.65 18.00
CA ASP A 821 -2.80 13.64 17.60
C ASP A 821 -3.66 14.07 16.41
N LEU A 822 -3.35 15.23 15.83
CA LEU A 822 -4.02 15.67 14.62
C LEU A 822 -3.57 14.85 13.42
N ILE A 823 -4.52 14.15 12.79
CA ILE A 823 -4.22 13.32 11.62
C ILE A 823 -4.99 13.86 10.41
N VAL A 824 -4.31 13.97 9.28
CA VAL A 824 -4.96 14.43 8.06
C VAL A 824 -4.65 13.48 6.90
N ARG A 825 -5.35 13.69 5.78
CA ARG A 825 -5.17 12.86 4.60
C ARG A 825 -4.46 13.65 3.50
N VAL A 826 -3.38 13.08 2.98
CA VAL A 826 -2.67 13.71 1.87
C VAL A 826 -3.08 13.02 0.57
N SER A 827 -2.09 12.50 -0.16
CA SER A 827 -2.34 11.82 -1.43
C SER A 827 -3.24 10.60 -1.24
N GLY A 828 -2.63 9.46 -0.92
CA GLY A 828 -3.37 8.23 -0.74
C GLY A 828 -3.22 7.60 0.63
N TYR A 829 -2.68 8.37 1.57
CA TYR A 829 -2.44 7.87 2.92
C TYR A 829 -2.69 8.96 3.97
N SER A 830 -2.84 8.55 5.22
CA SER A 830 -3.02 9.50 6.32
C SER A 830 -1.70 9.70 7.07
N ALA A 831 -1.58 10.85 7.72
CA ALA A 831 -0.36 11.17 8.48
C ALA A 831 -0.67 12.20 9.56
N ARG A 832 0.18 12.26 10.58
CA ARG A 832 0.09 13.31 11.58
C ARG A 832 0.53 14.62 10.97
N PHE A 833 -0.35 15.62 11.06
CA PHE A 833 -0.15 16.91 10.40
C PHE A 833 1.18 17.57 10.76
N VAL A 834 1.61 17.41 12.01
CA VAL A 834 2.82 18.07 12.48
C VAL A 834 4.08 17.38 11.94
N ASP A 835 3.90 16.30 11.21
CA ASP A 835 5.01 15.56 10.62
C ASP A 835 5.21 15.90 9.15
N ILE A 836 4.26 16.62 8.58
CA ILE A 836 4.37 17.05 7.19
C ILE A 836 5.04 18.41 7.11
N PRO A 837 6.03 18.56 6.21
CA PRO A 837 6.66 19.86 5.98
C PRO A 837 5.64 20.93 5.61
N THR A 838 5.95 22.18 5.93
CA THR A 838 5.04 23.31 5.75
C THR A 838 4.42 23.37 4.36
N TYR A 839 5.23 23.04 3.36
CA TYR A 839 4.81 23.11 1.97
C TYR A 839 3.71 22.11 1.66
N GLY A 840 3.83 20.92 2.25
CA GLY A 840 2.77 19.92 2.14
C GLY A 840 1.55 20.34 2.93
N GLN A 841 1.79 20.93 4.10
CA GLN A 841 0.71 21.41 4.96
C GLN A 841 -0.13 22.48 4.27
N ASN A 842 0.54 23.42 3.62
CA ASN A 842 -0.15 24.51 2.92
C ASN A 842 -0.95 23.97 1.74
N THR A 843 -0.51 22.84 1.19
CA THR A 843 -1.18 22.22 0.06
C THR A 843 -2.49 21.58 0.51
N ILE A 844 -2.49 21.02 1.72
CA ILE A 844 -3.67 20.41 2.29
C ILE A 844 -4.71 21.49 2.61
N ILE A 845 -4.23 22.62 3.12
CA ILE A 845 -5.09 23.74 3.49
C ILE A 845 -5.74 24.33 2.23
N ALA A 846 -5.00 24.35 1.14
CA ALA A 846 -5.47 24.93 -0.11
C ALA A 846 -6.64 24.16 -0.71
N ARG A 847 -6.81 22.91 -0.30
CA ARG A 847 -7.89 22.07 -0.81
C ARG A 847 -9.26 22.65 -0.46
N GLN A 848 -10.13 22.70 -1.46
CA GLN A 848 -11.47 23.28 -1.29
C GLN A 848 -12.34 22.45 -0.37
N GLU A 849 -12.75 23.03 0.74
CA GLU A 849 -13.68 22.38 1.65
C GLU A 849 -15.10 22.52 1.12
N GLN A 850 -15.66 21.42 0.63
CA GLN A 850 -16.96 21.45 -0.04
C GLN A 850 -18.10 21.67 0.94
N ASP A 851 -18.90 22.70 0.68
CA ASP A 851 -20.10 22.97 1.46
C ASP A 851 -21.30 22.38 0.72
N PHE A 852 -22.39 22.15 1.45
CA PHE A 852 -23.59 21.56 0.86
C PHE A 852 -24.78 22.52 0.93
N SER A 853 -25.30 22.88 -0.23
CA SER A 853 -26.48 23.74 -0.31
C SER A 853 -27.75 22.90 -0.39
N ALA A 854 -28.90 23.57 -0.47
CA ALA A 854 -30.17 22.88 -0.57
C ALA A 854 -30.26 22.13 -1.90
N SER A 855 -29.68 22.71 -2.94
CA SER A 855 -29.67 22.10 -4.27
C SER A 855 -28.81 20.84 -4.29
N ASP A 856 -27.71 20.86 -3.55
CA ASP A 856 -26.82 19.70 -3.46
C ASP A 856 -27.51 18.53 -2.76
N LEU A 857 -28.21 18.83 -1.67
CA LEU A 857 -28.89 17.81 -0.88
C LEU A 857 -30.05 17.18 -1.64
N GLU A 858 -30.72 17.99 -2.46
CA GLU A 858 -31.84 17.49 -3.27
C GLU A 858 -31.33 16.55 -4.36
N PHE A 859 -30.12 16.82 -4.84
CA PHE A 859 -29.49 15.97 -5.85
C PHE A 859 -29.07 14.63 -5.26
N LEU A 860 -28.73 14.63 -3.97
CA LEU A 860 -28.29 13.41 -3.29
C LEU A 860 -29.47 12.60 -2.76
N ASN A 861 -30.67 13.15 -2.94
CA ASN A 861 -31.90 12.53 -2.46
C ASN A 861 -31.86 12.23 -0.97
N VAL A 862 -31.48 13.24 -0.18
CA VAL A 862 -31.38 13.07 1.26
C VAL A 862 -32.74 13.22 1.91
N GLU A 863 -32.87 12.71 3.14
CA GLU A 863 -34.11 12.82 3.89
C GLU A 863 -33.81 12.97 5.38
N ILE A 864 -34.55 13.86 6.05
CA ILE A 864 -34.34 14.11 7.46
C ILE A 864 -35.67 14.09 8.21
N CYS B 9 24.95 -8.54 31.67
CA CYS B 9 23.54 -8.61 31.28
C CYS B 9 23.28 -9.77 30.33
N ALA B 10 24.34 -10.49 29.98
CA ALA B 10 24.24 -11.61 29.04
C ALA B 10 23.95 -12.92 29.78
N ASN B 11 22.75 -13.45 29.57
CA ASN B 11 22.36 -14.71 30.18
C ASN B 11 22.19 -15.80 29.12
N PHE B 12 22.75 -16.98 29.41
CA PHE B 12 22.70 -18.09 28.47
C PHE B 12 21.66 -19.13 28.88
N PHE B 13 20.76 -19.45 27.96
CA PHE B 13 19.74 -20.46 28.21
C PHE B 13 19.81 -21.59 27.18
N PRO B 14 20.42 -22.72 27.57
CA PRO B 14 20.60 -23.89 26.70
C PRO B 14 19.32 -24.33 26.02
N VAL B 15 19.37 -24.47 24.70
CA VAL B 15 18.21 -24.88 23.93
C VAL B 15 17.83 -26.30 24.31
N PRO B 16 16.56 -26.52 24.67
CA PRO B 16 16.05 -27.85 25.00
C PRO B 16 16.28 -28.85 23.86
N LYS B 17 16.58 -30.10 24.22
CA LYS B 17 16.96 -31.11 23.22
C LYS B 17 15.77 -31.56 22.37
N ASP B 18 14.57 -31.10 22.72
CA ASP B 18 13.39 -31.45 21.96
C ASP B 18 12.91 -30.28 21.10
N ALA B 19 13.69 -29.21 21.06
CA ALA B 19 13.35 -28.04 20.26
C ALA B 19 13.67 -28.27 18.79
N ASP B 20 12.92 -27.62 17.91
CA ASP B 20 13.11 -27.75 16.47
C ASP B 20 14.48 -27.26 16.03
N ASP B 21 15.01 -26.28 16.74
CA ASP B 21 16.28 -25.66 16.38
C ASP B 21 17.44 -26.16 17.23
N TYR B 22 17.26 -27.29 17.89
CA TYR B 22 18.29 -27.78 18.81
C TYR B 22 19.54 -28.24 18.08
N GLU B 23 20.69 -27.82 18.60
CA GLU B 23 21.99 -28.33 18.19
C GLU B 23 22.85 -28.49 19.43
N ALA B 24 23.84 -29.37 19.36
CA ALA B 24 24.74 -29.58 20.50
C ALA B 24 25.42 -28.26 20.89
N GLY B 25 25.22 -27.86 22.14
CA GLY B 25 25.86 -26.67 22.68
C GLY B 25 25.16 -25.35 22.36
N LYS B 26 24.06 -25.41 21.62
CA LYS B 26 23.33 -24.19 21.27
C LYS B 26 22.56 -23.64 22.47
N ALA B 27 22.53 -22.33 22.59
CA ALA B 27 21.80 -21.66 23.67
C ALA B 27 21.22 -20.34 23.20
N ASP B 28 20.19 -19.87 23.89
CA ASP B 28 19.65 -18.53 23.68
C ASP B 28 20.38 -17.55 24.58
N CYS B 29 21.02 -16.54 23.99
CA CYS B 29 21.60 -15.46 24.78
C CYS B 29 20.56 -14.35 24.92
N VAL B 30 19.98 -14.25 26.11
CA VAL B 30 18.92 -13.29 26.35
C VAL B 30 19.39 -12.10 27.18
N ARG B 31 19.26 -10.90 26.61
CA ARG B 31 19.66 -9.68 27.29
C ARG B 31 18.48 -8.74 27.43
N GLU B 32 18.39 -8.07 28.57
CA GLU B 32 17.36 -7.06 28.79
C GLU B 32 17.91 -5.67 28.48
N LYS B 33 17.12 -4.86 27.79
CA LYS B 33 17.54 -3.50 27.46
C LYS B 33 16.41 -2.53 27.72
N GLU B 34 16.75 -1.26 27.95
CA GLU B 34 15.74 -0.23 28.13
C GLU B 34 16.26 1.12 27.64
N ASP B 35 15.51 1.75 26.74
CA ASP B 35 15.84 3.09 26.29
C ASP B 35 14.74 4.06 26.72
N GLU B 36 14.59 5.15 25.98
CA GLU B 36 13.63 6.20 26.36
C GLU B 36 12.19 5.74 26.13
N LYS B 37 12.00 4.78 25.22
CA LYS B 37 10.66 4.28 24.92
C LYS B 37 10.18 3.30 25.99
N GLY B 38 11.00 2.29 26.28
CA GLY B 38 10.64 1.29 27.26
C GLY B 38 11.56 0.09 27.29
N LYS B 39 11.11 -0.97 27.95
CA LYS B 39 11.93 -2.15 28.16
C LYS B 39 11.67 -3.21 27.10
N TYR B 40 12.71 -3.96 26.75
CA TYR B 40 12.56 -5.09 25.84
C TYR B 40 13.68 -6.10 26.03
N TRP B 41 13.50 -7.28 25.43
CA TRP B 41 14.47 -8.36 25.57
C TRP B 41 14.91 -8.89 24.20
N LEU B 42 16.19 -9.22 24.11
CA LEU B 42 16.77 -9.73 22.87
C LEU B 42 17.27 -11.16 23.03
N SER B 43 16.89 -12.03 22.11
CA SER B 43 17.32 -13.43 22.15
C SER B 43 18.15 -13.77 20.93
N LYS B 44 19.45 -13.99 21.15
CA LYS B 44 20.37 -14.29 20.07
C LYS B 44 20.93 -15.71 20.22
N PRO B 45 20.84 -16.52 19.15
CA PRO B 45 21.36 -17.88 19.14
C PRO B 45 22.88 -17.91 19.20
N ILE B 46 23.45 -18.64 20.16
CA ILE B 46 24.90 -18.73 20.30
C ILE B 46 25.34 -20.17 20.53
N PHE B 47 26.65 -20.38 20.58
CA PHE B 47 27.23 -21.67 20.91
C PHE B 47 28.26 -21.54 22.03
OXT FUM C . 1.87 -0.53 -6.72
C FUM C . 1.42 0.59 -7.08
O FUM C . 2.12 1.41 -7.69
C4 FUM C . 0.01 0.93 -6.77
C5 FUM C . -0.79 0.04 -6.19
C6 FUM C . -2.20 0.38 -5.89
O7 FUM C . -2.61 1.53 -6.14
O8 FUM C . -2.94 -0.49 -5.38
C TRS D . -6.29 -10.40 26.85
C1 TRS D . -6.86 -10.60 28.26
C2 TRS D . -5.54 -9.07 26.77
C3 TRS D . -7.44 -10.42 25.85
N TRS D . -5.36 -11.48 26.56
O1 TRS D . -5.87 -10.27 29.21
O2 TRS D . -6.28 -8.06 27.42
O3 TRS D . -6.95 -10.30 24.54
C1 PGE E . 1.24 -30.90 -10.64
O1 PGE E . 1.26 -31.22 -12.03
C2 PGE E . 1.33 -32.17 -9.81
O2 PGE E . 2.45 -32.95 -10.25
C3 PGE E . 2.79 -33.97 -9.31
C4 PGE E . 3.75 -34.96 -9.97
O4 PGE E . 2.28 -36.33 -13.53
C6 PGE E . 3.04 -37.28 -12.77
C5 PGE E . 3.88 -36.53 -11.74
O3 PGE E . 3.05 -35.66 -10.99
C1 PGE F . 4.91 -44.21 -17.17
O1 PGE F . 5.26 -44.28 -18.56
C2 PGE F . 4.41 -42.81 -16.86
O2 PGE F . 5.45 -41.89 -17.17
C3 PGE F . 4.95 -40.62 -17.58
C4 PGE F . 6.14 -39.79 -18.03
O4 PGE F . 8.46 -42.32 -16.11
C6 PGE F . 9.05 -41.02 -16.29
C5 PGE F . 8.37 -40.27 -17.42
O3 PGE F . 7.08 -39.85 -16.97
C1 PGE G . 0.69 -24.37 -16.66
O1 PGE G . 0.73 -24.83 -15.30
C2 PGE G . -0.08 -23.06 -16.71
O2 PGE G . 0.36 -22.22 -15.64
C3 PGE G . -0.13 -20.88 -15.74
C4 PGE G . 0.71 -20.00 -14.82
O4 PGE G . 3.41 -19.28 -16.27
C6 PGE G . 2.64 -18.08 -16.38
C5 PGE G . 1.16 -18.43 -16.49
O3 PGE G . 0.61 -18.64 -15.20
C1 PGE H . -17.73 -18.32 -14.06
O1 PGE H . -17.65 -18.46 -12.63
C2 PGE H . -16.42 -17.77 -14.60
O2 PGE H . -15.33 -18.58 -14.13
C3 PGE H . -14.09 -18.15 -14.67
C4 PGE H . -12.94 -18.87 -13.97
O4 PGE H . -13.50 -22.85 -12.76
C6 PGE H . -12.36 -22.51 -13.56
C5 PGE H . -12.07 -21.01 -13.45
O3 PGE H . -13.15 -20.28 -14.04
O1 PG4 I . 29.17 -10.71 6.34
C1 PG4 I . 30.35 -10.75 5.53
C2 PG4 I . 29.94 -10.88 4.07
O2 PG4 I . 31.05 -10.63 3.20
C3 PG4 I . 30.62 -10.49 1.85
C4 PG4 I . 31.82 -10.46 0.92
O3 PG4 I . 32.58 -11.65 1.11
C5 PG4 I . 33.48 -11.87 0.03
C6 PG4 I . 34.50 -12.93 0.44
O4 PG4 I . 33.83 -14.07 0.98
C7 PG4 I . 34.73 -15.10 1.34
C8 PG4 I . 33.97 -16.27 1.95
O5 PG4 I . 33.35 -15.86 3.18
C1 PGE J . -20.47 -2.19 18.02
O1 PGE J . -20.35 -3.60 18.24
C2 PGE J . -21.93 -1.79 17.90
O2 PGE J . -22.05 -0.41 17.57
C3 PGE J . -23.32 -0.14 16.98
C4 PGE J . -23.56 1.37 16.92
O4 PGE J . -21.04 5.28 16.71
C6 PGE J . -21.16 4.01 16.07
C5 PGE J . -22.54 3.41 16.38
O3 PGE J . -22.49 2.01 16.22
#